data_8VCQ
#
_entry.id   8VCQ
#
_cell.length_a   63.520
_cell.length_b   77.934
_cell.length_c   156.285
_cell.angle_alpha   90.000
_cell.angle_beta   89.890
_cell.angle_gamma   90.000
#
_symmetry.space_group_name_H-M   'P 1 21 1'
#
loop_
_entity.id
_entity.type
_entity.pdbx_description
1 polymer 'Galactose-binding lectin'
2 branched alpha-D-galactopyranose-(1-6)-alpha-D-glucopyranose-(1-2)-beta-D-fructofuranose
3 non-polymer alpha-D-galactopyranose
4 non-polymer '4-(2-HYDROXYETHYL)-1-PIPERAZINE ETHANESULFONIC ACID'
5 non-polymer 'TETRAETHYLENE GLYCOL'
6 non-polymer 'CALCIUM ION'
7 non-polymer 'ACETATE ION'
8 non-polymer GLYCEROL
9 water water
#
_entity_poly.entity_id   1
_entity_poly.type   'polypeptide(L)'
_entity_poly.pdbx_seq_one_letter_code
;GHMTTFLIKHKASGKFLHPKGGSSNPANDTNLVLHSDIHERMYFQFDVVDERWGYIKHAASGKIVHPLGGKADPPNETKL
VLHQDRHDRALFAMDFFNDNIIHKAGKYIHPKGGSTNPPNETLTVMHGDKHKAMEFIFVSPKDKDKRVLVYV
;
_entity_poly.pdbx_strand_id   A,B,C,D,E,F,G,H
#
# COMPACT_ATOMS: atom_id res chain seq x y z
N MET A 3 20.05 -29.52 25.46
CA MET A 3 20.11 -28.97 26.80
C MET A 3 21.53 -29.05 27.36
N THR A 4 22.41 -28.18 26.88
CA THR A 4 23.77 -28.06 27.38
C THR A 4 23.88 -26.78 28.18
N THR A 5 24.23 -26.91 29.46
CA THR A 5 24.31 -25.80 30.39
C THR A 5 25.77 -25.42 30.59
N PHE A 6 26.03 -24.12 30.69
CA PHE A 6 27.41 -23.65 30.77
C PHE A 6 27.47 -22.38 31.60
N LEU A 7 28.70 -22.03 31.97
CA LEU A 7 29.01 -20.74 32.60
C LEU A 7 29.68 -19.85 31.57
N ILE A 8 29.35 -18.56 31.59
CA ILE A 8 29.99 -17.60 30.70
C ILE A 8 31.09 -16.93 31.52
N LYS A 9 32.33 -17.34 31.25
CA LYS A 9 33.48 -16.92 32.04
C LYS A 9 34.26 -15.84 31.29
N HIS A 10 34.45 -14.69 31.93
CA HIS A 10 35.32 -13.64 31.40
C HIS A 10 36.76 -14.12 31.43
N LYS A 11 37.36 -14.29 30.25
CA LYS A 11 38.63 -15.01 30.17
C LYS A 11 39.73 -14.32 30.97
N ALA A 12 39.83 -13.00 30.87
CA ALA A 12 40.97 -12.32 31.47
C ALA A 12 40.91 -12.34 32.99
N SER A 13 39.70 -12.29 33.58
CA SER A 13 39.58 -12.17 35.02
C SER A 13 39.12 -13.45 35.70
N GLY A 14 38.47 -14.36 34.97
CA GLY A 14 37.84 -15.51 35.57
C GLY A 14 36.53 -15.25 36.28
N LYS A 15 36.03 -14.02 36.29
CA LYS A 15 34.68 -13.80 36.78
C LYS A 15 33.68 -14.33 35.77
N PHE A 16 32.40 -14.34 36.17
CA PHE A 16 31.35 -14.93 35.38
C PHE A 16 30.19 -13.96 35.19
N LEU A 17 29.47 -14.16 34.09
CA LEU A 17 28.26 -13.38 33.84
C LEU A 17 27.16 -13.81 34.80
N HIS A 18 26.60 -12.83 35.52
CA HIS A 18 25.51 -13.08 36.44
C HIS A 18 24.35 -12.16 36.12
N PRO A 19 23.12 -12.57 36.44
CA PRO A 19 22.06 -11.58 36.60
C PRO A 19 22.31 -10.76 37.86
N LYS A 20 22.07 -9.45 37.78
CA LYS A 20 22.28 -8.61 38.94
C LYS A 20 21.35 -9.05 40.06
N GLY A 21 21.93 -9.48 41.18
CA GLY A 21 21.16 -9.96 42.30
C GLY A 21 21.17 -11.47 42.47
N GLY A 22 21.51 -12.21 41.41
CA GLY A 22 21.62 -13.65 41.55
C GLY A 22 20.32 -14.39 41.68
N SER A 23 19.21 -13.80 41.24
CA SER A 23 17.91 -14.42 41.42
C SER A 23 17.67 -15.52 40.39
N SER A 24 16.95 -16.56 40.82
CA SER A 24 16.45 -17.58 39.90
C SER A 24 15.34 -17.07 39.01
N ASN A 25 14.82 -15.87 39.28
CA ASN A 25 13.73 -15.28 38.50
C ASN A 25 13.98 -13.79 38.37
N PRO A 26 15.11 -13.40 37.77
CA PRO A 26 15.39 -11.96 37.60
C PRO A 26 14.29 -11.32 36.76
N ALA A 27 13.92 -10.11 37.15
CA ALA A 27 12.91 -9.37 36.41
C ALA A 27 13.38 -8.99 35.02
N ASN A 28 12.39 -8.75 34.15
CA ASN A 28 12.69 -8.16 32.85
C ASN A 28 13.55 -6.93 33.06
N ASP A 29 14.57 -6.77 32.22
CA ASP A 29 15.47 -5.63 32.22
C ASP A 29 16.44 -5.66 33.39
N THR A 30 16.59 -6.80 34.07
CA THR A 30 17.65 -6.97 35.05
C THR A 30 19.01 -6.91 34.37
N ASN A 31 19.92 -6.13 34.95
CA ASN A 31 21.26 -5.98 34.38
C ASN A 31 22.04 -7.29 34.49
N LEU A 32 22.88 -7.53 33.48
CA LEU A 32 23.82 -8.64 33.49
C LEU A 32 25.17 -8.10 33.95
N VAL A 33 25.70 -8.68 35.03
CA VAL A 33 26.91 -8.20 35.66
C VAL A 33 27.93 -9.32 35.74
N LEU A 34 29.18 -8.95 35.98
CA LEU A 34 30.23 -9.92 36.22
C LEU A 34 30.39 -10.15 37.71
N HIS A 35 30.57 -11.41 38.10
CA HIS A 35 30.72 -11.76 39.50
C HIS A 35 31.55 -13.03 39.60
N SER A 36 32.35 -13.13 40.67
CA SER A 36 33.22 -14.28 40.84
C SER A 36 32.48 -15.55 41.24
N ASP A 37 31.29 -15.44 41.82
CA ASP A 37 30.61 -16.61 42.39
C ASP A 37 30.12 -17.55 41.29
N ILE A 38 29.96 -18.83 41.67
CA ILE A 38 29.35 -19.84 40.81
C ILE A 38 28.19 -20.47 41.56
N HIS A 39 27.04 -20.60 40.89
CA HIS A 39 25.86 -21.25 41.43
C HIS A 39 24.86 -21.37 40.28
N GLU A 40 23.83 -22.19 40.50
CA GLU A 40 22.94 -22.53 39.39
C GLU A 40 22.12 -21.34 38.88
N ARG A 41 22.11 -20.23 39.60
CA ARG A 41 21.38 -19.05 39.15
C ARG A 41 22.22 -18.16 38.24
N MET A 42 23.44 -18.58 37.88
CA MET A 42 24.21 -17.96 36.82
C MET A 42 24.52 -18.95 35.71
N TYR A 43 23.84 -20.10 35.68
CA TYR A 43 24.00 -21.04 34.57
C TYR A 43 23.25 -20.50 33.37
N PHE A 44 23.82 -20.71 32.19
CA PHE A 44 23.21 -20.30 30.94
C PHE A 44 23.04 -21.47 29.97
N GLN A 45 22.15 -21.26 29.01
CA GLN A 45 21.96 -22.17 27.89
C GLN A 45 21.94 -21.33 26.62
N PHE A 46 22.07 -22.00 25.48
CA PHE A 46 22.03 -21.33 24.19
C PHE A 46 21.06 -22.06 23.29
N ASP A 47 20.09 -21.34 22.76
CA ASP A 47 19.05 -21.91 21.91
C ASP A 47 19.31 -21.46 20.49
N VAL A 48 19.79 -22.38 19.65
CA VAL A 48 20.11 -22.07 18.22
C VAL A 48 18.82 -21.67 17.50
N VAL A 49 18.87 -20.59 16.73
CA VAL A 49 17.68 -20.10 15.97
C VAL A 49 17.99 -20.15 14.47
N ASP A 50 19.18 -19.69 14.08
CA ASP A 50 19.59 -19.68 12.64
C ASP A 50 21.11 -19.84 12.54
N GLU A 51 21.56 -21.04 12.19
CA GLU A 51 22.99 -21.33 12.04
C GLU A 51 23.75 -20.84 13.29
N ARG A 52 24.59 -19.82 13.16
CA ARG A 52 25.34 -19.36 14.34
C ARG A 52 24.51 -18.53 15.31
N TRP A 53 23.36 -18.03 14.89
CA TRP A 53 22.64 -17.05 15.68
C TRP A 53 21.64 -17.73 16.60
N GLY A 54 21.54 -17.25 17.83
CA GLY A 54 20.53 -17.77 18.73
C GLY A 54 20.35 -16.89 19.95
N TYR A 55 19.62 -17.42 20.91
CA TYR A 55 19.30 -16.73 22.16
C TYR A 55 20.16 -17.26 23.30
N ILE A 56 20.74 -16.34 24.07
CA ILE A 56 21.49 -16.68 25.27
C ILE A 56 20.52 -16.68 26.43
N LYS A 57 20.34 -17.83 27.07
CA LYS A 57 19.20 -18.03 27.95
C LYS A 57 19.69 -18.29 29.36
N HIS A 58 19.14 -17.52 30.30
CA HIS A 58 19.35 -17.76 31.72
C HIS A 58 18.61 -19.03 32.14
N ALA A 59 19.36 -20.03 32.61
CA ALA A 59 18.78 -21.37 32.77
C ALA A 59 17.66 -21.38 33.79
N ALA A 60 17.83 -20.66 34.90
CA ALA A 60 16.87 -20.75 36.00
C ALA A 60 15.54 -20.09 35.68
N SER A 61 15.52 -19.06 34.83
CA SER A 61 14.31 -18.31 34.57
C SER A 61 13.75 -18.46 33.16
N GLY A 62 14.54 -18.93 32.21
CA GLY A 62 14.14 -18.94 30.82
C GLY A 62 14.21 -17.59 30.14
N LYS A 63 14.60 -16.55 30.86
CA LYS A 63 14.78 -15.23 30.27
C LYS A 63 16.05 -15.22 29.44
N ILE A 64 16.06 -14.40 28.38
CA ILE A 64 17.21 -14.37 27.49
C ILE A 64 17.86 -12.99 27.56
N VAL A 65 19.10 -12.94 27.05
CA VAL A 65 19.91 -11.73 27.06
C VAL A 65 19.43 -10.79 25.96
N HIS A 66 19.23 -9.52 26.30
CA HIS A 66 18.84 -8.50 25.36
C HIS A 66 19.75 -7.28 25.50
N PRO A 67 20.00 -6.55 24.42
CA PRO A 67 20.45 -5.17 24.57
C PRO A 67 19.31 -4.36 25.17
N LEU A 68 19.62 -3.54 26.17
CA LEU A 68 18.57 -2.76 26.82
C LEU A 68 17.88 -1.87 25.79
N GLY A 69 16.56 -1.99 25.72
CA GLY A 69 15.78 -1.29 24.74
C GLY A 69 15.42 -2.11 23.52
N GLY A 70 16.14 -3.22 23.28
CA GLY A 70 15.76 -4.13 22.23
C GLY A 70 15.92 -3.55 20.84
N LYS A 71 16.85 -2.63 20.66
CA LYS A 71 17.07 -2.03 19.35
C LYS A 71 17.91 -2.95 18.48
N ALA A 72 17.72 -2.83 17.16
CA ALA A 72 18.41 -3.72 16.22
C ALA A 72 19.92 -3.44 16.19
N ASP A 73 20.32 -2.18 16.34
CA ASP A 73 21.70 -1.76 16.18
C ASP A 73 22.08 -0.88 17.37
N PRO A 74 22.19 -1.46 18.56
CA PRO A 74 22.40 -0.66 19.78
C PRO A 74 23.77 0.01 19.76
N PRO A 75 23.85 1.24 20.26
CA PRO A 75 25.14 1.95 20.30
C PRO A 75 26.05 1.39 21.38
N ASN A 76 27.34 1.76 21.28
CA ASN A 76 28.30 1.40 22.31
C ASN A 76 27.79 1.83 23.69
N GLU A 77 28.06 1.00 24.69
CA GLU A 77 27.69 1.20 26.10
C GLU A 77 26.22 0.85 26.35
N THR A 78 25.51 0.34 25.36
CA THR A 78 24.16 -0.14 25.62
C THR A 78 24.22 -1.30 26.61
N LYS A 79 23.46 -1.19 27.70
CA LYS A 79 23.47 -2.21 28.72
C LYS A 79 22.83 -3.50 28.23
N LEU A 80 23.36 -4.62 28.71
CA LEU A 80 22.77 -5.93 28.48
C LEU A 80 21.90 -6.34 29.66
N VAL A 81 20.71 -6.84 29.37
CA VAL A 81 19.72 -7.18 30.38
C VAL A 81 19.12 -8.54 30.04
N LEU A 82 18.28 -9.03 30.94
CA LEU A 82 17.48 -10.22 30.72
C LEU A 82 16.04 -9.83 30.48
N HIS A 83 15.39 -10.52 29.54
CA HIS A 83 14.01 -10.19 29.18
C HIS A 83 13.38 -11.46 28.60
N GLN A 84 12.08 -11.63 28.85
CA GLN A 84 11.39 -12.84 28.38
C GLN A 84 11.14 -12.85 26.88
N ASP A 85 11.10 -11.70 26.21
CA ASP A 85 10.72 -11.65 24.81
C ASP A 85 11.73 -12.39 23.93
N ARG A 86 11.23 -13.01 22.86
CA ARG A 86 12.07 -13.58 21.80
C ARG A 86 11.85 -12.81 20.51
N HIS A 87 12.93 -12.31 19.92
CA HIS A 87 12.85 -11.67 18.61
C HIS A 87 14.26 -11.55 18.03
N ASP A 88 14.34 -10.94 16.85
CA ASP A 88 15.59 -10.91 16.10
C ASP A 88 16.64 -9.98 16.70
N ARG A 89 16.23 -8.99 17.51
CA ARG A 89 17.21 -8.08 18.07
C ARG A 89 17.90 -8.64 19.31
N ALA A 90 17.48 -9.82 19.78
CA ALA A 90 18.13 -10.51 20.88
C ALA A 90 18.95 -11.70 20.39
N LEU A 91 19.35 -11.69 19.13
CA LEU A 91 20.15 -12.76 18.56
C LEU A 91 21.63 -12.51 18.78
N PHE A 92 22.33 -13.53 19.26
CA PHE A 92 23.77 -13.49 19.49
C PHE A 92 24.40 -14.75 18.89
N ALA A 93 25.70 -14.68 18.66
CA ALA A 93 26.50 -15.85 18.35
C ALA A 93 27.57 -16.04 19.42
N MET A 94 27.85 -17.29 19.75
CA MET A 94 28.86 -17.66 20.73
C MET A 94 30.11 -18.08 19.96
N ASP A 95 31.03 -17.14 19.75
CA ASP A 95 32.23 -17.40 18.96
C ASP A 95 33.26 -18.02 19.89
N PHE A 96 33.29 -19.35 19.93
CA PHE A 96 34.21 -20.07 20.82
C PHE A 96 35.57 -20.30 20.18
N PHE A 97 35.81 -19.76 18.99
CA PHE A 97 37.13 -19.79 18.36
C PHE A 97 37.91 -18.51 18.59
N ASN A 98 37.27 -17.36 18.49
CA ASN A 98 37.89 -16.10 18.85
C ASN A 98 37.59 -15.73 20.29
N ASP A 99 36.72 -16.49 20.96
CA ASP A 99 36.39 -16.34 22.36
C ASP A 99 35.68 -15.02 22.64
N ASN A 100 34.56 -14.79 21.98
CA ASN A 100 33.76 -13.61 22.27
C ASN A 100 32.30 -13.91 21.97
N ILE A 101 31.44 -12.97 22.35
CA ILE A 101 30.01 -13.07 22.14
C ILE A 101 29.62 -11.87 21.30
N ILE A 102 29.11 -12.12 20.10
CA ILE A 102 28.85 -11.09 19.11
C ILE A 102 27.34 -10.97 18.90
N HIS A 103 26.85 -9.74 18.88
CA HIS A 103 25.45 -9.46 18.61
C HIS A 103 25.21 -9.47 17.10
N LYS A 104 23.94 -9.70 16.72
CA LYS A 104 23.57 -9.74 15.31
C LYS A 104 24.03 -8.51 14.55
N ALA A 105 24.07 -7.35 15.21
CA ALA A 105 24.47 -6.11 14.55
C ALA A 105 25.97 -5.85 14.60
N GLY A 106 26.76 -6.77 15.14
CA GLY A 106 28.21 -6.76 14.97
C GLY A 106 29.02 -6.30 16.16
N LYS A 107 28.38 -5.78 17.20
CA LYS A 107 29.11 -5.42 18.41
C LYS A 107 29.19 -6.61 19.36
N TYR A 108 30.06 -6.47 20.36
CA TYR A 108 30.39 -7.55 21.27
C TYR A 108 29.97 -7.18 22.68
N ILE A 109 29.83 -8.21 23.51
CA ILE A 109 29.60 -8.02 24.94
C ILE A 109 30.92 -7.65 25.61
N HIS A 110 30.91 -6.57 26.38
CA HIS A 110 32.08 -6.12 27.11
C HIS A 110 31.72 -5.96 28.57
N PRO A 111 32.69 -6.09 29.47
CA PRO A 111 32.50 -5.46 30.77
C PRO A 111 32.55 -3.94 30.60
N LYS A 112 31.65 -3.23 31.23
CA LYS A 112 31.74 -1.78 31.13
C LYS A 112 33.04 -1.23 31.71
N GLY A 113 33.74 -0.52 30.85
CA GLY A 113 35.01 0.05 31.15
C GLY A 113 36.20 -0.74 30.62
N GLY A 114 36.01 -1.98 30.18
CA GLY A 114 37.10 -2.66 29.48
C GLY A 114 38.27 -3.15 30.32
N SER A 115 38.07 -3.39 31.61
CA SER A 115 39.17 -3.80 32.48
C SER A 115 39.42 -5.29 32.30
N THR A 116 40.71 -5.66 32.33
CA THR A 116 41.01 -7.08 32.40
C THR A 116 40.65 -7.71 33.74
N ASN A 117 40.43 -6.91 34.76
CA ASN A 117 40.05 -7.40 36.09
C ASN A 117 38.89 -6.57 36.64
N PRO A 118 37.72 -6.63 36.02
CA PRO A 118 36.61 -5.83 36.52
C PRO A 118 36.13 -6.36 37.86
N PRO A 119 35.80 -5.47 38.80
CA PRO A 119 35.27 -5.93 40.09
C PRO A 119 33.86 -6.49 39.99
N ASN A 120 33.49 -7.27 41.02
CA ASN A 120 32.14 -7.81 41.18
C ASN A 120 31.11 -6.70 41.04
N GLU A 121 29.97 -6.99 40.38
CA GLU A 121 28.84 -6.08 40.13
C GLU A 121 29.16 -5.17 38.94
N THR A 122 30.29 -5.36 38.26
CA THR A 122 30.56 -4.61 37.04
C THR A 122 29.48 -4.90 36.01
N LEU A 123 28.95 -3.84 35.41
CA LEU A 123 27.93 -4.02 34.39
C LEU A 123 28.56 -4.57 33.11
N THR A 124 27.72 -5.16 32.26
CA THR A 124 28.16 -5.51 30.91
C THR A 124 27.43 -4.62 29.91
N VAL A 125 28.09 -4.34 28.80
CA VAL A 125 27.57 -3.43 27.79
C VAL A 125 27.94 -3.93 26.40
N MET A 126 27.20 -3.46 25.40
CA MET A 126 27.61 -3.65 24.02
C MET A 126 28.75 -2.69 23.68
N HIS A 127 29.72 -3.18 22.93
CA HIS A 127 30.76 -2.29 22.45
C HIS A 127 31.43 -2.94 21.24
N GLY A 128 31.81 -2.12 20.26
CA GLY A 128 32.35 -2.58 18.99
C GLY A 128 33.80 -2.98 18.98
N ASP A 129 34.58 -2.63 20.01
CA ASP A 129 36.01 -2.92 19.98
C ASP A 129 36.29 -4.40 20.23
N LYS A 130 37.43 -4.85 19.71
CA LYS A 130 37.93 -6.20 19.94
C LYS A 130 39.27 -6.08 20.66
N HIS A 131 39.40 -6.79 21.77
CA HIS A 131 40.62 -6.75 22.59
C HIS A 131 40.55 -7.86 23.63
N LYS A 132 41.59 -7.94 24.45
CA LYS A 132 41.72 -9.03 25.41
C LYS A 132 40.61 -9.02 26.46
N ALA A 133 40.15 -7.84 26.87
CA ALA A 133 39.26 -7.73 28.01
C ALA A 133 37.80 -8.00 27.68
N MET A 134 37.44 -8.22 26.41
CA MET A 134 36.08 -8.57 26.04
C MET A 134 35.96 -10.03 25.63
N GLU A 135 36.96 -10.85 25.93
CA GLU A 135 36.96 -12.26 25.60
C GLU A 135 36.25 -13.07 26.66
N PHE A 136 35.42 -14.02 26.21
CA PHE A 136 34.69 -14.91 27.08
C PHE A 136 34.82 -16.34 26.58
N ILE A 137 34.86 -17.29 27.52
CA ILE A 137 34.87 -18.70 27.19
C ILE A 137 33.70 -19.37 27.92
N PHE A 138 33.30 -20.53 27.42
CA PHE A 138 32.08 -21.20 27.83
C PHE A 138 32.48 -22.54 28.42
N VAL A 139 32.24 -22.70 29.71
CA VAL A 139 32.83 -23.77 30.51
C VAL A 139 31.77 -24.54 31.25
N SER A 140 32.15 -25.73 31.70
CA SER A 140 31.23 -26.61 32.39
C SER A 140 30.93 -25.99 33.76
N PRO A 141 29.68 -26.02 34.20
CA PRO A 141 29.37 -25.52 35.56
C PRO A 141 30.11 -26.24 36.66
N LYS A 142 30.43 -27.51 36.44
CA LYS A 142 31.13 -28.35 37.40
C LYS A 142 32.64 -28.43 37.18
N ASP A 143 33.18 -27.63 36.27
CA ASP A 143 34.62 -27.54 36.04
C ASP A 143 34.90 -26.27 35.24
N LYS A 144 35.22 -25.19 35.95
CA LYS A 144 35.29 -23.85 35.35
C LYS A 144 36.43 -23.67 34.34
N ASP A 145 37.30 -24.66 34.13
CA ASP A 145 38.31 -24.60 33.07
C ASP A 145 38.02 -25.54 31.90
N LYS A 146 36.93 -26.30 31.94
CA LYS A 146 36.63 -27.23 30.85
C LYS A 146 35.64 -26.54 29.93
N ARG A 147 36.07 -26.27 28.70
CA ARG A 147 35.19 -25.66 27.72
C ARG A 147 34.14 -26.67 27.30
N VAL A 148 32.92 -26.19 27.04
CA VAL A 148 31.89 -27.08 26.54
C VAL A 148 31.33 -26.47 25.27
N LEU A 149 30.84 -27.33 24.39
CA LEU A 149 30.23 -26.89 23.15
C LEU A 149 28.82 -26.38 23.44
N VAL A 150 28.57 -25.10 23.17
CA VAL A 150 27.26 -24.53 23.47
C VAL A 150 26.26 -24.71 22.32
N TYR A 151 26.78 -25.06 21.15
CA TYR A 151 25.91 -25.26 19.95
C TYR A 151 25.38 -26.71 19.95
N VAL A 152 24.21 -26.91 20.56
CA VAL A 152 23.58 -28.26 20.65
C VAL A 152 22.12 -28.09 21.07
N MET B 3 25.39 -35.74 11.80
CA MET B 3 24.05 -35.97 11.22
C MET B 3 23.76 -34.89 10.19
N THR B 4 23.96 -33.61 10.55
CA THR B 4 23.81 -32.54 9.56
C THR B 4 24.76 -32.76 8.39
N THR B 5 24.22 -32.72 7.18
CA THR B 5 25.01 -32.92 5.97
C THR B 5 25.29 -31.57 5.32
N PHE B 6 26.53 -31.39 4.86
CA PHE B 6 26.94 -30.13 4.30
C PHE B 6 27.99 -30.35 3.23
N LEU B 7 28.23 -29.29 2.46
CA LEU B 7 29.33 -29.22 1.50
C LEU B 7 30.43 -28.36 2.12
N ILE B 8 31.68 -28.74 1.88
CA ILE B 8 32.81 -27.92 2.32
C ILE B 8 33.22 -27.09 1.12
N LYS B 9 32.91 -25.80 1.17
CA LYS B 9 33.10 -24.89 0.04
C LYS B 9 34.32 -24.01 0.28
N HIS B 10 35.26 -24.05 -0.66
CA HIS B 10 36.38 -23.12 -0.65
C HIS B 10 35.85 -21.72 -0.94
N LYS B 11 35.99 -20.82 0.05
CA LYS B 11 35.29 -19.54 -0.03
C LYS B 11 35.78 -18.69 -1.20
N ALA B 12 37.09 -18.67 -1.43
CA ALA B 12 37.65 -17.77 -2.44
C ALA B 12 37.31 -18.19 -3.87
N SER B 13 37.20 -19.49 -4.12
CA SER B 13 36.99 -19.98 -5.48
C SER B 13 35.58 -20.48 -5.73
N GLY B 14 34.84 -20.84 -4.70
CA GLY B 14 33.55 -21.47 -4.85
C GLY B 14 33.62 -22.96 -5.15
N LYS B 15 34.82 -23.53 -5.18
CA LYS B 15 34.97 -24.96 -5.38
C LYS B 15 34.78 -25.69 -4.04
N PHE B 16 34.72 -27.01 -4.12
CA PHE B 16 34.40 -27.82 -2.95
C PHE B 16 35.47 -28.87 -2.72
N LEU B 17 35.49 -29.39 -1.50
CA LEU B 17 36.35 -30.50 -1.15
C LEU B 17 35.77 -31.80 -1.70
N HIS B 18 36.60 -32.55 -2.42
CA HIS B 18 36.22 -33.83 -2.98
C HIS B 18 37.25 -34.89 -2.59
N PRO B 19 36.84 -36.16 -2.53
CA PRO B 19 37.82 -37.24 -2.66
C PRO B 19 38.29 -37.32 -4.10
N LYS B 20 39.58 -37.56 -4.29
CA LYS B 20 40.13 -37.61 -5.64
C LYS B 20 39.47 -38.73 -6.44
N GLY B 21 38.83 -38.35 -7.54
CA GLY B 21 38.08 -39.28 -8.38
C GLY B 21 36.61 -39.41 -8.05
N GLY B 22 36.17 -38.88 -6.91
CA GLY B 22 34.75 -38.75 -6.66
C GLY B 22 34.04 -40.04 -6.35
N SER B 23 34.75 -41.04 -5.84
CA SER B 23 34.16 -42.35 -5.59
C SER B 23 33.28 -42.31 -4.35
N SER B 24 32.26 -43.17 -4.35
CA SER B 24 31.44 -43.34 -3.16
C SER B 24 32.09 -44.25 -2.13
N ASN B 25 33.20 -44.90 -2.47
CA ASN B 25 34.04 -45.60 -1.49
C ASN B 25 35.51 -45.42 -1.83
N PRO B 26 36.08 -44.25 -1.53
CA PRO B 26 37.49 -44.03 -1.85
C PRO B 26 38.35 -44.99 -1.04
N ALA B 27 39.43 -45.47 -1.66
CA ALA B 27 40.37 -46.30 -0.91
C ALA B 27 40.98 -45.49 0.23
N ASN B 28 41.42 -46.19 1.27
CA ASN B 28 42.17 -45.51 2.33
C ASN B 28 43.36 -44.77 1.75
N ASP B 29 43.59 -43.56 2.25
CA ASP B 29 44.68 -42.65 1.86
C ASP B 29 44.40 -41.99 0.52
N THR B 30 43.17 -42.05 0.01
CA THR B 30 42.82 -41.26 -1.17
C THR B 30 42.91 -39.77 -0.84
N ASN B 31 43.52 -39.02 -1.74
CA ASN B 31 43.73 -37.59 -1.51
C ASN B 31 42.40 -36.84 -1.55
N LEU B 32 42.35 -35.74 -0.80
CA LEU B 32 41.25 -34.79 -0.88
C LEU B 32 41.65 -33.63 -1.77
N VAL B 33 40.75 -33.23 -2.66
CA VAL B 33 41.04 -32.24 -3.69
C VAL B 33 39.91 -31.23 -3.76
N LEU B 34 40.16 -30.16 -4.51
CA LEU B 34 39.13 -29.18 -4.83
C LEU B 34 38.56 -29.48 -6.21
N HIS B 35 37.25 -29.38 -6.33
CA HIS B 35 36.59 -29.57 -7.62
C HIS B 35 35.29 -28.79 -7.59
N SER B 36 34.87 -28.31 -8.75
CA SER B 36 33.67 -27.48 -8.83
C SER B 36 32.37 -28.28 -8.80
N ASP B 37 32.42 -29.57 -9.12
CA ASP B 37 31.21 -30.38 -9.20
C ASP B 37 30.51 -30.50 -7.85
N ILE B 38 29.18 -30.68 -7.90
CA ILE B 38 28.37 -31.00 -6.73
C ILE B 38 27.66 -32.31 -7.00
N HIS B 39 27.77 -33.25 -6.06
CA HIS B 39 27.08 -34.54 -6.11
C HIS B 39 27.22 -35.18 -4.74
N GLU B 40 26.47 -36.26 -4.52
CA GLU B 40 26.39 -36.82 -3.17
C GLU B 40 27.70 -37.46 -2.72
N ARG B 41 28.65 -37.70 -3.63
CA ARG B 41 29.93 -38.27 -3.26
C ARG B 41 30.92 -37.22 -2.75
N MET B 42 30.50 -35.98 -2.57
CA MET B 42 31.31 -34.95 -1.95
C MET B 42 30.58 -34.28 -0.78
N TYR B 43 29.49 -34.89 -0.30
CA TYR B 43 28.84 -34.43 0.92
C TYR B 43 29.65 -34.87 2.13
N PHE B 44 29.65 -34.03 3.18
CA PHE B 44 30.36 -34.34 4.41
C PHE B 44 29.45 -34.21 5.63
N GLN B 45 29.88 -34.83 6.73
CA GLN B 45 29.25 -34.69 8.04
C GLN B 45 30.34 -34.46 9.09
N PHE B 46 29.94 -33.95 10.26
CA PHE B 46 30.87 -33.71 11.36
C PHE B 46 30.48 -34.46 12.63
N ASP B 47 31.30 -35.44 13.02
CA ASP B 47 31.06 -36.28 14.20
C ASP B 47 31.78 -35.66 15.40
N VAL B 48 31.03 -34.97 16.27
CA VAL B 48 31.63 -34.27 17.39
C VAL B 48 32.18 -35.27 18.40
N VAL B 49 33.44 -35.07 18.80
CA VAL B 49 34.12 -35.93 19.76
C VAL B 49 34.31 -35.23 21.11
N ASP B 50 34.87 -34.02 21.10
CA ASP B 50 35.20 -33.31 22.35
C ASP B 50 35.14 -31.81 22.09
N GLU B 51 34.06 -31.19 22.53
CA GLU B 51 33.83 -29.75 22.41
C GLU B 51 33.94 -29.39 20.94
N ARG B 52 34.97 -28.63 20.55
CA ARG B 52 35.10 -28.24 19.15
C ARG B 52 35.68 -29.34 18.28
N TRP B 53 36.29 -30.36 18.88
CA TRP B 53 37.03 -31.36 18.11
C TRP B 53 36.12 -32.50 17.70
N GLY B 54 36.28 -32.96 16.46
CA GLY B 54 35.46 -34.02 15.92
C GLY B 54 36.07 -34.56 14.65
N TYR B 55 35.36 -35.50 14.03
CA TYR B 55 35.83 -36.12 12.79
C TYR B 55 35.06 -35.55 11.61
N ILE B 56 35.77 -35.19 10.55
CA ILE B 56 35.16 -34.75 9.31
C ILE B 56 34.90 -35.99 8.47
N LYS B 57 33.64 -36.39 8.33
CA LYS B 57 33.34 -37.70 7.79
C LYS B 57 32.77 -37.55 6.38
N HIS B 58 33.36 -38.27 5.43
CA HIS B 58 32.83 -38.37 4.07
C HIS B 58 31.51 -39.13 4.10
N ALA B 59 30.44 -38.49 3.63
CA ALA B 59 29.09 -39.04 3.82
C ALA B 59 28.93 -40.36 3.09
N ALA B 60 29.47 -40.45 1.87
CA ALA B 60 29.23 -41.61 1.03
C ALA B 60 29.94 -42.86 1.55
N SER B 61 31.12 -42.70 2.14
CA SER B 61 31.96 -43.82 2.50
C SER B 61 32.07 -44.06 4.00
N GLY B 62 31.81 -43.05 4.82
CA GLY B 62 32.06 -43.12 6.25
C GLY B 62 33.51 -42.94 6.65
N LYS B 63 34.41 -42.86 5.68
CA LYS B 63 35.80 -42.50 5.93
C LYS B 63 35.88 -41.04 6.39
N ILE B 64 36.96 -40.72 7.10
CA ILE B 64 37.12 -39.42 7.72
C ILE B 64 38.44 -38.83 7.27
N VAL B 65 38.60 -37.52 7.50
CA VAL B 65 39.77 -36.79 7.05
C VAL B 65 40.94 -37.06 7.98
N HIS B 66 42.09 -37.41 7.40
CA HIS B 66 43.35 -37.64 8.07
C HIS B 66 44.46 -36.85 7.40
N PRO B 67 45.41 -36.33 8.19
CA PRO B 67 46.72 -35.99 7.61
C PRO B 67 47.42 -37.30 7.23
N LEU B 68 47.97 -37.36 6.02
CA LEU B 68 48.54 -38.63 5.60
C LEU B 68 49.64 -39.00 6.58
N GLY B 69 49.58 -40.24 7.07
CA GLY B 69 50.57 -40.79 7.97
C GLY B 69 50.03 -40.92 9.37
N GLY B 70 48.98 -40.17 9.69
CA GLY B 70 48.34 -40.20 11.00
C GLY B 70 49.24 -39.76 12.14
N LYS B 71 50.15 -38.83 11.87
CA LYS B 71 50.97 -38.24 12.92
C LYS B 71 50.19 -37.18 13.70
N ALA B 72 50.59 -37.00 14.97
CA ALA B 72 49.94 -36.03 15.83
C ALA B 72 50.23 -34.61 15.40
N ASP B 73 51.44 -34.32 14.92
CA ASP B 73 51.82 -32.96 14.56
C ASP B 73 52.37 -32.92 13.14
N PRO B 74 51.49 -32.97 12.14
CA PRO B 74 51.92 -32.98 10.73
C PRO B 74 52.61 -31.68 10.32
N PRO B 75 53.69 -31.76 9.55
CA PRO B 75 54.36 -30.54 9.10
C PRO B 75 53.59 -29.90 7.96
N ASN B 76 53.93 -28.64 7.67
CA ASN B 76 53.43 -27.98 6.46
C ASN B 76 53.62 -28.85 5.23
N GLU B 77 52.61 -28.83 4.35
CA GLU B 77 52.54 -29.54 3.07
C GLU B 77 52.16 -31.01 3.25
N THR B 78 51.83 -31.45 4.46
CA THR B 78 51.31 -32.81 4.63
C THR B 78 49.97 -32.92 3.92
N LYS B 79 49.87 -33.93 3.05
CA LYS B 79 48.65 -34.10 2.27
C LYS B 79 47.52 -34.57 3.16
N LEU B 80 46.30 -34.17 2.79
CA LEU B 80 45.09 -34.66 3.43
C LEU B 80 44.47 -35.79 2.64
N VAL B 81 44.04 -36.82 3.35
CA VAL B 81 43.47 -38.01 2.75
C VAL B 81 42.24 -38.44 3.55
N LEU B 82 41.52 -39.39 2.99
CA LEU B 82 40.41 -40.06 3.68
C LEU B 82 40.90 -41.39 4.23
N HIS B 83 40.42 -41.75 5.42
CA HIS B 83 40.78 -43.03 5.99
C HIS B 83 39.66 -43.46 6.94
N GLN B 84 39.48 -44.78 7.06
CA GLN B 84 38.44 -45.35 7.92
C GLN B 84 38.77 -45.26 9.41
N ASP B 85 40.05 -45.15 9.75
CA ASP B 85 40.48 -45.14 11.15
C ASP B 85 39.89 -43.97 11.91
N ARG B 86 39.56 -44.21 13.16
CA ARG B 86 39.05 -43.19 14.06
C ARG B 86 40.01 -43.14 15.26
N HIS B 87 40.71 -42.02 15.41
CA HIS B 87 41.59 -41.79 16.54
C HIS B 87 41.83 -40.28 16.65
N ASP B 88 42.59 -39.89 17.68
CA ASP B 88 42.68 -38.47 18.04
C ASP B 88 43.58 -37.67 17.10
N ARG B 89 44.42 -38.31 16.30
CA ARG B 89 45.22 -37.59 15.32
C ARG B 89 44.44 -37.20 14.08
N ALA B 90 43.17 -37.61 13.99
CA ALA B 90 42.27 -37.20 12.93
C ALA B 90 41.24 -36.18 13.43
N LEU B 91 41.50 -35.55 14.57
CA LEU B 91 40.57 -34.57 15.12
C LEU B 91 40.77 -33.21 14.48
N PHE B 92 39.67 -32.61 14.02
CA PHE B 92 39.65 -31.27 13.47
C PHE B 92 38.56 -30.47 14.17
N ALA B 93 38.58 -29.16 13.96
CA ALA B 93 37.49 -28.28 14.36
C ALA B 93 37.04 -27.47 13.16
N MET B 94 35.74 -27.19 13.12
CA MET B 94 35.12 -26.47 12.01
C MET B 94 34.87 -25.04 12.47
N ASP B 95 35.82 -24.16 12.20
CA ASP B 95 35.74 -22.78 12.66
C ASP B 95 34.87 -22.00 11.68
N PHE B 96 33.58 -21.89 11.98
CA PHE B 96 32.63 -21.19 11.13
C PHE B 96 32.56 -19.69 11.45
N PHE B 97 33.40 -19.20 12.36
CA PHE B 97 33.54 -17.77 12.63
C PHE B 97 34.70 -17.16 11.88
N ASN B 98 35.84 -17.85 11.81
CA ASN B 98 36.95 -17.38 11.01
C ASN B 98 36.94 -18.03 9.63
N ASP B 99 36.05 -19.00 9.43
CA ASP B 99 35.86 -19.68 8.16
C ASP B 99 37.11 -20.47 7.76
N ASN B 100 37.49 -21.41 8.61
CA ASN B 100 38.60 -22.29 8.28
C ASN B 100 38.41 -23.63 8.97
N ILE B 101 39.28 -24.58 8.59
CA ILE B 101 39.33 -25.96 9.15
C ILE B 101 40.70 -26.12 9.80
N ILE B 102 40.73 -26.28 11.13
CA ILE B 102 41.96 -26.37 11.90
C ILE B 102 42.10 -27.78 12.45
N HIS B 103 43.33 -28.30 12.39
CA HIS B 103 43.68 -29.58 12.95
C HIS B 103 44.05 -29.41 14.42
N LYS B 104 43.93 -30.50 15.18
CA LYS B 104 44.15 -30.41 16.62
C LYS B 104 45.54 -29.88 16.96
N ALA B 105 46.53 -30.12 16.10
CA ALA B 105 47.88 -29.61 16.35
C ALA B 105 48.08 -28.18 15.85
N GLY B 106 47.07 -27.55 15.26
CA GLY B 106 47.06 -26.12 15.06
C GLY B 106 47.23 -25.65 13.62
N LYS B 107 47.56 -26.52 12.67
CA LYS B 107 47.62 -26.09 11.29
C LYS B 107 46.25 -26.21 10.62
N TYR B 108 46.13 -25.57 9.45
CA TYR B 108 44.87 -25.49 8.74
C TYR B 108 44.92 -26.28 7.43
N ILE B 109 43.74 -26.62 6.93
CA ILE B 109 43.62 -27.19 5.60
C ILE B 109 43.73 -26.08 4.56
N HIS B 110 44.61 -26.29 3.58
CA HIS B 110 44.86 -25.33 2.51
C HIS B 110 44.72 -26.04 1.17
N PRO B 111 44.37 -25.31 0.12
CA PRO B 111 44.72 -25.78 -1.22
C PRO B 111 46.23 -25.75 -1.31
N LYS B 112 46.83 -26.81 -1.85
CA LYS B 112 48.26 -26.80 -2.08
C LYS B 112 48.63 -25.66 -3.02
N GLY B 113 49.54 -24.79 -2.56
CA GLY B 113 49.91 -23.59 -3.28
C GLY B 113 49.20 -22.32 -2.85
N GLY B 114 48.09 -22.42 -2.12
CA GLY B 114 47.50 -21.22 -1.54
C GLY B 114 46.81 -20.29 -2.52
N SER B 115 46.39 -20.78 -3.69
CA SER B 115 45.74 -19.92 -4.66
C SER B 115 44.31 -19.58 -4.22
N THR B 116 43.88 -18.34 -4.51
CA THR B 116 42.48 -17.99 -4.35
C THR B 116 41.57 -18.70 -5.34
N ASN B 117 42.12 -19.16 -6.46
CA ASN B 117 41.34 -19.76 -7.54
C ASN B 117 42.10 -20.97 -8.07
N PRO B 118 42.10 -22.07 -7.33
CA PRO B 118 42.90 -23.23 -7.75
C PRO B 118 42.17 -24.01 -8.82
N PRO B 119 42.91 -24.72 -9.67
CA PRO B 119 42.26 -25.62 -10.64
C PRO B 119 41.62 -26.83 -9.99
N ASN B 120 40.69 -27.43 -10.74
CA ASN B 120 40.12 -28.70 -10.35
C ASN B 120 41.24 -29.73 -10.19
N GLU B 121 41.10 -30.62 -9.21
CA GLU B 121 42.06 -31.68 -8.84
C GLU B 121 43.21 -31.13 -8.03
N THR B 122 43.17 -29.86 -7.61
CA THR B 122 44.22 -29.37 -6.74
C THR B 122 44.21 -30.12 -5.41
N LEU B 123 45.38 -30.58 -4.97
CA LEU B 123 45.48 -31.28 -3.71
C LEU B 123 45.23 -30.32 -2.56
N THR B 124 44.86 -30.88 -1.41
CA THR B 124 44.80 -30.09 -0.21
C THR B 124 45.87 -30.60 0.74
N VAL B 125 46.42 -29.68 1.53
CA VAL B 125 47.51 -29.98 2.46
C VAL B 125 47.26 -29.24 3.77
N MET B 126 48.01 -29.66 4.78
CA MET B 126 48.08 -28.90 6.02
C MET B 126 49.05 -27.74 5.86
N HIS B 127 48.70 -26.59 6.45
CA HIS B 127 49.64 -25.48 6.47
C HIS B 127 49.23 -24.53 7.58
N GLY B 128 50.23 -23.95 8.25
CA GLY B 128 50.00 -23.07 9.38
C GLY B 128 49.52 -21.68 9.01
N ASP B 129 49.66 -21.26 7.76
CA ASP B 129 49.36 -19.90 7.38
C ASP B 129 47.86 -19.62 7.42
N LYS B 130 47.52 -18.36 7.69
CA LYS B 130 46.15 -17.89 7.65
C LYS B 130 46.04 -16.76 6.64
N HIS B 131 45.11 -16.91 5.70
CA HIS B 131 44.85 -15.93 4.67
C HIS B 131 43.55 -16.31 3.98
N LYS B 132 43.15 -15.50 2.99
CA LYS B 132 41.85 -15.70 2.36
C LYS B 132 41.78 -17.02 1.61
N ALA B 133 42.92 -17.53 1.13
CA ALA B 133 42.89 -18.70 0.26
C ALA B 133 42.81 -20.02 1.01
N MET B 134 42.81 -20.02 2.34
CA MET B 134 42.59 -21.24 3.11
C MET B 134 41.26 -21.21 3.84
N GLU B 135 40.38 -20.28 3.46
CA GLU B 135 39.07 -20.15 4.10
C GLU B 135 38.05 -21.08 3.46
N PHE B 136 37.20 -21.67 4.30
CA PHE B 136 36.13 -22.55 3.87
C PHE B 136 34.85 -22.19 4.63
N ILE B 137 33.72 -22.33 3.95
CA ILE B 137 32.41 -22.25 4.59
C ILE B 137 31.66 -23.55 4.34
N PHE B 138 30.61 -23.76 5.13
CA PHE B 138 29.96 -25.07 5.23
C PHE B 138 28.48 -24.88 4.91
N VAL B 139 28.04 -25.44 3.79
CA VAL B 139 26.78 -25.01 3.19
C VAL B 139 25.87 -26.20 2.91
N SER B 140 24.59 -25.89 2.71
CA SER B 140 23.54 -26.88 2.49
C SER B 140 23.73 -27.56 1.12
N PRO B 141 23.55 -28.89 1.05
CA PRO B 141 23.60 -29.55 -0.26
C PRO B 141 22.55 -29.05 -1.26
N LYS B 142 21.44 -28.46 -0.80
CA LYS B 142 20.43 -27.91 -1.70
C LYS B 142 20.67 -26.44 -2.00
N ASP B 143 21.58 -25.79 -1.28
CA ASP B 143 21.81 -24.36 -1.45
C ASP B 143 23.25 -24.09 -1.03
N LYS B 144 24.16 -24.08 -2.01
CA LYS B 144 25.57 -23.81 -1.75
C LYS B 144 25.82 -22.41 -1.21
N ASP B 145 24.80 -21.56 -1.09
CA ASP B 145 24.98 -20.25 -0.48
C ASP B 145 24.46 -20.17 0.94
N LYS B 146 23.87 -21.24 1.46
CA LYS B 146 23.28 -21.23 2.80
C LYS B 146 24.24 -21.92 3.77
N ARG B 147 24.79 -21.16 4.71
CA ARG B 147 25.61 -21.76 5.74
C ARG B 147 24.75 -22.62 6.65
N VAL B 148 25.29 -23.77 7.05
CA VAL B 148 24.59 -24.66 7.97
C VAL B 148 25.48 -24.90 9.18
N LEU B 149 24.86 -25.18 10.32
CA LEU B 149 25.59 -25.41 11.55
C LEU B 149 26.05 -26.86 11.59
N VAL B 150 27.37 -27.08 11.53
CA VAL B 150 27.90 -28.43 11.42
C VAL B 150 27.99 -29.14 12.77
N TYR B 151 27.87 -28.41 13.87
CA TYR B 151 28.08 -29.00 15.18
C TYR B 151 26.83 -29.66 15.75
N VAL B 152 25.72 -29.64 15.01
CA VAL B 152 24.51 -30.33 15.42
C VAL B 152 24.08 -31.27 14.31
N MET C 3 3.36 -7.75 22.07
CA MET C 3 3.94 -7.92 23.40
C MET C 3 3.09 -8.82 24.28
N THR C 4 1.80 -8.48 24.39
CA THR C 4 0.85 -9.30 25.13
C THR C 4 0.88 -10.74 24.63
N THR C 5 1.06 -11.67 25.56
CA THR C 5 1.03 -13.09 25.26
C THR C 5 -0.35 -13.65 25.56
N PHE C 6 -0.75 -14.65 24.79
CA PHE C 6 -2.11 -15.17 24.85
C PHE C 6 -2.11 -16.63 24.44
N LEU C 7 -3.21 -17.30 24.72
CA LEU C 7 -3.45 -18.66 24.24
C LEU C 7 -4.43 -18.59 23.07
N ILE C 8 -4.20 -19.40 22.06
CA ILE C 8 -5.11 -19.49 20.93
C ILE C 8 -5.97 -20.71 21.19
N LYS C 9 -7.20 -20.47 21.63
CA LYS C 9 -8.10 -21.54 22.07
C LYS C 9 -9.13 -21.83 20.99
N HIS C 10 -9.20 -23.10 20.59
CA HIS C 10 -10.25 -23.55 19.68
C HIS C 10 -11.60 -23.50 20.39
N LYS C 11 -12.49 -22.63 19.90
CA LYS C 11 -13.69 -22.28 20.66
C LYS C 11 -14.57 -23.50 20.92
N ALA C 12 -14.77 -24.34 19.91
CA ALA C 12 -15.74 -25.42 20.05
C ALA C 12 -15.27 -26.49 21.02
N SER C 13 -13.95 -26.74 21.10
CA SER C 13 -13.44 -27.83 21.92
C SER C 13 -12.74 -27.38 23.19
N GLY C 14 -12.27 -26.14 23.25
CA GLY C 14 -11.44 -25.69 24.34
C GLY C 14 -10.01 -26.16 24.30
N LYS C 15 -9.60 -26.91 23.27
CA LYS C 15 -8.19 -27.20 23.08
C LYS C 15 -7.46 -25.95 22.58
N PHE C 16 -6.14 -26.05 22.51
CA PHE C 16 -5.31 -24.90 22.19
C PHE C 16 -4.36 -25.23 21.05
N LEU C 17 -3.86 -24.19 20.41
CA LEU C 17 -2.85 -24.35 19.37
C LEU C 17 -1.50 -24.63 20.03
N HIS C 18 -0.93 -25.80 19.73
CA HIS C 18 0.39 -26.13 20.24
C HIS C 18 1.36 -26.33 19.08
N PRO C 19 2.66 -26.10 19.29
CA PRO C 19 3.64 -26.72 18.41
C PRO C 19 3.68 -28.21 18.66
N LYS C 20 3.62 -29.01 17.60
CA LYS C 20 3.61 -30.45 17.78
C LYS C 20 4.88 -30.89 18.48
N GLY C 21 4.78 -31.21 19.76
CA GLY C 21 5.92 -31.60 20.57
C GLY C 21 6.12 -30.79 21.83
N GLY C 22 5.55 -29.58 21.90
CA GLY C 22 5.65 -28.82 23.13
C GLY C 22 7.02 -28.25 23.37
N SER C 23 7.82 -28.09 22.33
CA SER C 23 9.20 -27.63 22.46
C SER C 23 9.26 -26.12 22.66
N SER C 24 10.23 -25.69 23.48
CA SER C 24 10.53 -24.26 23.60
C SER C 24 11.20 -23.72 22.35
N ASN C 25 11.86 -24.59 21.59
CA ASN C 25 12.59 -24.20 20.38
C ASN C 25 12.35 -25.25 19.30
N PRO C 26 11.09 -25.45 18.90
CA PRO C 26 10.79 -26.43 17.86
C PRO C 26 11.51 -26.06 16.58
N ALA C 27 12.00 -27.09 15.88
CA ALA C 27 12.67 -26.86 14.61
C ALA C 27 11.69 -26.31 13.57
N ASN C 28 12.27 -25.64 12.58
CA ASN C 28 11.54 -25.20 11.40
C ASN C 28 10.70 -26.32 10.81
N ASP C 29 9.48 -25.95 10.39
CA ASP C 29 8.48 -26.79 9.75
C ASP C 29 7.80 -27.74 10.72
N THR C 30 7.88 -27.42 12.01
CA THR C 30 7.16 -28.20 13.06
C THR C 30 5.67 -27.89 12.89
N ASN C 31 4.83 -28.93 12.84
CA ASN C 31 3.37 -28.75 12.60
C ASN C 31 2.67 -28.10 13.79
N LEU C 32 1.66 -27.26 13.50
CA LEU C 32 0.81 -26.59 14.51
C LEU C 32 -0.41 -27.50 14.72
N VAL C 33 -0.53 -28.08 15.91
CA VAL C 33 -1.64 -29.02 16.21
C VAL C 33 -2.40 -28.52 17.44
N LEU C 34 -3.58 -29.09 17.66
CA LEU C 34 -4.45 -28.76 18.78
C LEU C 34 -4.16 -29.71 19.94
N HIS C 35 -4.04 -29.15 21.13
CA HIS C 35 -3.79 -29.96 22.32
C HIS C 35 -4.47 -29.32 23.51
N SER C 36 -4.95 -30.15 24.43
CA SER C 36 -5.67 -29.67 25.60
C SER C 36 -4.75 -29.01 26.62
N ASP C 37 -3.46 -29.32 26.60
CA ASP C 37 -2.56 -28.90 27.66
C ASP C 37 -2.32 -27.38 27.61
N ILE C 38 -1.94 -26.83 28.77
CA ILE C 38 -1.55 -25.44 28.89
C ILE C 38 -0.16 -25.39 29.50
N HIS C 39 0.72 -24.59 28.90
CA HIS C 39 2.07 -24.37 29.41
C HIS C 39 2.69 -23.25 28.60
N GLU C 40 3.79 -22.71 29.10
CA GLU C 40 4.39 -21.53 28.47
C GLU C 40 4.84 -21.80 27.04
N ARG C 41 5.00 -23.06 26.65
CA ARG C 41 5.47 -23.41 25.31
C ARG C 41 4.33 -23.50 24.30
N MET C 42 3.10 -23.21 24.70
CA MET C 42 2.00 -22.98 23.77
C MET C 42 1.50 -21.55 23.83
N TYR C 43 2.24 -20.64 24.47
CA TYR C 43 1.89 -19.22 24.46
C TYR C 43 2.26 -18.63 23.11
N PHE C 44 1.42 -17.71 22.64
CA PHE C 44 1.67 -17.01 21.40
C PHE C 44 1.67 -15.50 21.62
N GLN C 45 2.28 -14.81 20.66
CA GLN C 45 2.25 -13.36 20.56
C GLN C 45 1.86 -13.00 19.13
N PHE C 46 1.52 -11.75 18.92
CA PHE C 46 1.16 -11.26 17.59
C PHE C 46 1.95 -9.99 17.35
N ASP C 47 2.70 -9.96 16.26
CA ASP C 47 3.56 -8.84 15.92
C ASP C 47 2.93 -8.13 14.75
N VAL C 48 2.39 -6.94 15.01
CA VAL C 48 1.65 -6.22 13.97
C VAL C 48 2.63 -5.72 12.92
N VAL C 49 2.26 -5.90 11.66
CA VAL C 49 3.07 -5.46 10.53
C VAL C 49 2.41 -4.32 9.78
N ASP C 50 1.12 -4.48 9.46
CA ASP C 50 0.42 -3.52 8.60
C ASP C 50 -1.06 -3.58 8.97
N GLU C 51 -1.51 -2.63 9.81
CA GLU C 51 -2.89 -2.54 10.29
C GLU C 51 -3.32 -3.86 10.93
N ARG C 52 -4.25 -4.60 10.32
CA ARG C 52 -4.71 -5.85 10.91
C ARG C 52 -3.72 -6.99 10.72
N TRP C 53 -2.77 -6.85 9.79
CA TRP C 53 -1.95 -7.97 9.39
C TRP C 53 -0.69 -8.04 10.23
N GLY C 54 -0.31 -9.25 10.62
CA GLY C 54 0.94 -9.43 11.32
C GLY C 54 1.33 -10.88 11.37
N TYR C 55 2.34 -11.15 12.21
CA TYR C 55 2.88 -12.49 12.38
C TYR C 55 2.38 -13.08 13.68
N ILE C 56 1.93 -14.33 13.61
CA ILE C 56 1.54 -15.07 14.81
C ILE C 56 2.80 -15.77 15.28
N LYS C 57 3.27 -15.45 16.49
CA LYS C 57 4.61 -15.80 16.90
C LYS C 57 4.52 -16.73 18.10
N HIS C 58 5.23 -17.85 17.99
CA HIS C 58 5.39 -18.75 19.12
C HIS C 58 6.30 -18.09 20.15
N ALA C 59 5.77 -17.87 21.35
CA ALA C 59 6.45 -17.01 22.33
C ALA C 59 7.79 -17.59 22.74
N ALA C 60 7.86 -18.90 22.95
CA ALA C 60 9.08 -19.48 23.51
C ALA C 60 10.23 -19.49 22.52
N SER C 61 9.95 -19.56 21.22
CA SER C 61 11.00 -19.69 20.22
C SER C 61 11.17 -18.49 19.32
N GLY C 62 10.19 -17.59 19.25
CA GLY C 62 10.22 -16.50 18.29
C GLY C 62 9.87 -16.90 16.89
N LYS C 63 9.61 -18.19 16.64
CA LYS C 63 9.19 -18.66 15.33
C LYS C 63 7.74 -18.25 15.07
N ILE C 64 7.39 -18.02 13.82
CA ILE C 64 6.06 -17.55 13.46
C ILE C 64 5.36 -18.63 12.64
N VAL C 65 4.05 -18.46 12.54
CA VAL C 65 3.19 -19.38 11.83
C VAL C 65 3.33 -19.14 10.33
N HIS C 66 3.54 -20.22 9.58
CA HIS C 66 3.60 -20.15 8.12
C HIS C 66 2.68 -21.22 7.54
N PRO C 67 2.10 -20.96 6.37
CA PRO C 67 1.60 -22.07 5.54
C PRO C 67 2.78 -22.87 5.02
N LEU C 68 2.69 -24.19 5.12
CA LEU C 68 3.82 -25.02 4.67
C LEU C 68 4.11 -24.75 3.21
N GLY C 69 5.37 -24.43 2.92
CA GLY C 69 5.82 -24.03 1.61
C GLY C 69 5.90 -22.54 1.42
N GLY C 70 5.24 -21.77 2.28
CA GLY C 70 5.38 -20.33 2.28
C GLY C 70 4.84 -19.66 1.04
N LYS C 71 3.85 -20.25 0.39
CA LYS C 71 3.27 -19.66 -0.80
C LYS C 71 2.27 -18.56 -0.45
N ALA C 72 2.13 -17.62 -1.37
CA ALA C 72 1.26 -16.47 -1.15
C ALA C 72 -0.21 -16.87 -1.10
N ASP C 73 -0.62 -17.86 -1.87
CA ASP C 73 -2.01 -18.24 -2.00
C ASP C 73 -2.12 -19.76 -1.82
N PRO C 74 -1.89 -20.24 -0.59
CA PRO C 74 -1.83 -21.69 -0.34
C PRO C 74 -3.17 -22.36 -0.55
N PRO C 75 -3.17 -23.59 -1.10
CA PRO C 75 -4.43 -24.30 -1.31
C PRO C 75 -5.02 -24.83 -0.01
N ASN C 76 -6.30 -25.20 -0.12
CA ASN C 76 -7.00 -25.85 0.96
C ASN C 76 -6.23 -27.07 1.44
N GLU C 77 -6.22 -27.30 2.75
CA GLU C 77 -5.55 -28.42 3.43
C GLU C 77 -4.05 -28.19 3.59
N THR C 78 -3.52 -27.04 3.21
CA THR C 78 -2.12 -26.75 3.48
C THR C 78 -1.86 -26.70 4.97
N LYS C 79 -0.90 -27.51 5.42
CA LYS C 79 -0.55 -27.60 6.86
C LYS C 79 0.14 -26.31 7.32
N LEU C 80 -0.24 -25.82 8.50
CA LEU C 80 0.35 -24.59 9.09
C LEU C 80 1.48 -25.02 10.05
N VAL C 81 2.68 -24.49 9.87
CA VAL C 81 3.83 -24.87 10.73
C VAL C 81 4.59 -23.63 11.20
N LEU C 82 5.59 -23.84 12.07
CA LEU C 82 6.44 -22.79 12.60
C LEU C 82 7.69 -22.69 11.74
N HIS C 83 8.19 -21.47 11.59
CA HIS C 83 9.40 -21.23 10.82
C HIS C 83 9.96 -19.88 11.21
N GLN C 84 11.29 -19.78 11.18
CA GLN C 84 12.00 -18.54 11.63
C GLN C 84 11.95 -17.43 10.57
N ASP C 85 11.56 -17.75 9.32
CA ASP C 85 11.56 -16.72 8.30
C ASP C 85 10.44 -15.71 8.54
N ARG C 86 10.71 -14.45 8.20
CA ARG C 86 9.70 -13.40 8.16
C ARG C 86 9.52 -12.96 6.73
N HIS C 87 8.28 -13.00 6.24
CA HIS C 87 7.97 -12.48 4.92
C HIS C 87 6.46 -12.31 4.81
N ASP C 88 6.04 -11.66 3.73
CA ASP C 88 4.64 -11.28 3.56
C ASP C 88 3.74 -12.45 3.18
N ARG C 89 4.23 -13.68 3.13
CA ARG C 89 3.32 -14.80 2.91
C ARG C 89 2.92 -15.48 4.21
N ALA C 90 3.50 -15.05 5.33
CA ALA C 90 3.16 -15.52 6.68
C ALA C 90 2.35 -14.50 7.46
N LEU C 91 1.63 -13.60 6.77
CA LEU C 91 0.80 -12.59 7.42
C LEU C 91 -0.59 -13.14 7.70
N PHE C 92 -1.06 -12.92 8.92
CA PHE C 92 -2.39 -13.32 9.37
C PHE C 92 -3.06 -12.15 10.07
N ALA C 93 -4.39 -12.22 10.18
CA ALA C 93 -5.15 -11.32 11.05
C ALA C 93 -5.89 -12.12 12.12
N MET C 94 -5.99 -11.53 13.30
CA MET C 94 -6.64 -12.15 14.46
C MET C 94 -8.01 -11.51 14.61
N ASP C 95 -9.01 -12.13 13.99
CA ASP C 95 -10.35 -11.56 13.96
C ASP C 95 -11.06 -11.94 15.25
N PHE C 96 -10.97 -11.07 16.26
CA PHE C 96 -11.57 -11.34 17.55
C PHE C 96 -13.03 -10.91 17.63
N PHE C 97 -13.60 -10.43 16.53
CA PHE C 97 -15.03 -10.14 16.45
C PHE C 97 -15.81 -11.29 15.84
N ASN C 98 -15.30 -11.89 14.77
CA ASN C 98 -15.92 -13.09 14.23
C ASN C 98 -15.27 -14.34 14.79
N ASP C 99 -14.20 -14.20 15.57
CA ASP C 99 -13.53 -15.29 16.27
C ASP C 99 -12.90 -16.28 15.30
N ASN C 100 -12.00 -15.80 14.43
CA ASN C 100 -11.27 -16.69 13.55
C ASN C 100 -9.91 -16.09 13.24
N ILE C 101 -9.08 -16.88 12.57
CA ILE C 101 -7.74 -16.48 12.16
C ILE C 101 -7.66 -16.59 10.65
N ILE C 102 -7.44 -15.46 9.98
CA ILE C 102 -7.50 -15.38 8.54
C ILE C 102 -6.11 -15.10 7.97
N HIS C 103 -5.75 -15.83 6.92
CA HIS C 103 -4.50 -15.60 6.22
C HIS C 103 -4.68 -14.46 5.21
N LYS C 104 -3.54 -13.85 4.85
CA LYS C 104 -3.56 -12.72 3.92
C LYS C 104 -4.30 -13.05 2.63
N ALA C 105 -4.28 -14.31 2.19
CA ALA C 105 -4.94 -14.72 0.97
C ALA C 105 -6.38 -15.15 1.16
N GLY C 106 -6.93 -15.05 2.37
CA GLY C 106 -8.37 -15.14 2.56
C GLY C 106 -8.87 -16.45 3.15
N LYS C 107 -8.01 -17.45 3.30
CA LYS C 107 -8.41 -18.69 3.96
C LYS C 107 -8.16 -18.59 5.47
N TYR C 108 -8.73 -19.55 6.18
CA TYR C 108 -8.73 -19.53 7.64
C TYR C 108 -7.97 -20.73 8.17
N ILE C 109 -7.55 -20.62 9.43
CA ILE C 109 -6.97 -21.75 10.14
C ILE C 109 -8.09 -22.66 10.60
N HIS C 110 -7.98 -23.95 10.28
CA HIS C 110 -8.95 -24.94 10.70
C HIS C 110 -8.22 -26.06 11.42
N PRO C 111 -8.92 -26.78 12.30
CA PRO C 111 -8.46 -28.14 12.63
C PRO C 111 -8.64 -29.04 11.44
N LYS C 112 -7.65 -29.88 11.18
CA LYS C 112 -7.78 -30.82 10.07
C LYS C 112 -8.96 -31.74 10.35
N GLY C 113 -9.92 -31.77 9.43
CA GLY C 113 -11.12 -32.55 9.58
C GLY C 113 -12.34 -31.80 10.06
N GLY C 114 -12.17 -30.58 10.60
CA GLY C 114 -13.34 -29.76 10.86
C GLY C 114 -14.20 -30.18 12.03
N SER C 115 -13.65 -30.91 13.00
CA SER C 115 -14.43 -31.40 14.12
C SER C 115 -14.63 -30.33 15.18
N THR C 116 -15.83 -30.30 15.76
CA THR C 116 -16.03 -29.48 16.95
C THR C 116 -15.31 -30.02 18.17
N ASN C 117 -14.89 -31.29 18.09
CA ASN C 117 -14.15 -31.96 19.20
C ASN C 117 -12.91 -32.63 18.63
N PRO C 118 -11.93 -31.88 18.08
CA PRO C 118 -10.72 -32.47 17.50
C PRO C 118 -9.86 -33.13 18.61
N PRO C 119 -9.38 -34.37 18.42
CA PRO C 119 -8.56 -35.04 19.43
C PRO C 119 -7.13 -34.50 19.43
N ASN C 120 -6.48 -34.54 20.60
CA ASN C 120 -5.10 -34.06 20.73
C ASN C 120 -4.26 -34.52 19.55
N GLU C 121 -3.37 -33.62 19.10
CA GLU C 121 -2.45 -33.82 17.99
C GLU C 121 -3.14 -33.65 16.64
N THR C 122 -4.42 -33.24 16.63
CA THR C 122 -5.07 -32.95 15.37
C THR C 122 -4.29 -31.84 14.67
N LEU C 123 -3.99 -32.04 13.39
CA LEU C 123 -3.26 -31.02 12.66
C LEU C 123 -4.15 -29.81 12.41
N THR C 124 -3.52 -28.67 12.12
CA THR C 124 -4.26 -27.52 11.62
C THR C 124 -3.86 -27.27 10.18
N VAL C 125 -4.81 -26.74 9.40
CA VAL C 125 -4.62 -26.53 7.97
C VAL C 125 -5.33 -25.25 7.54
N MET C 126 -4.86 -24.70 6.43
CA MET C 126 -5.61 -23.64 5.76
C MET C 126 -6.86 -24.23 5.12
N HIS C 127 -7.98 -23.51 5.22
CA HIS C 127 -9.17 -23.89 4.48
C HIS C 127 -10.09 -22.69 4.41
N GLY C 128 -10.78 -22.54 3.28
CA GLY C 128 -11.62 -21.39 2.99
C GLY C 128 -12.99 -21.38 3.63
N ASP C 129 -13.48 -22.49 4.16
CA ASP C 129 -14.84 -22.51 4.69
C ASP C 129 -14.93 -21.78 6.02
N LYS C 130 -16.13 -21.27 6.30
CA LYS C 130 -16.45 -20.63 7.57
C LYS C 130 -17.56 -21.41 8.26
N HIS C 131 -17.33 -21.75 9.52
CA HIS C 131 -18.28 -22.54 10.30
C HIS C 131 -17.85 -22.51 11.77
N LYS C 132 -18.58 -23.25 12.61
CA LYS C 132 -18.34 -23.16 14.05
C LYS C 132 -17.07 -23.88 14.48
N ALA C 133 -16.58 -24.85 13.71
CA ALA C 133 -15.44 -25.64 14.15
C ALA C 133 -14.10 -25.01 13.78
N MET C 134 -14.10 -23.89 13.05
CA MET C 134 -12.87 -23.17 12.72
C MET C 134 -12.77 -21.86 13.49
N GLU C 135 -13.59 -21.69 14.52
CA GLU C 135 -13.59 -20.50 15.36
C GLU C 135 -12.55 -20.60 16.47
N PHE C 136 -11.83 -19.51 16.70
CA PHE C 136 -10.82 -19.44 17.75
C PHE C 136 -10.99 -18.14 18.52
N ILE C 137 -10.70 -18.21 19.83
CA ILE C 137 -10.68 -17.04 20.69
C ILE C 137 -9.31 -16.99 21.35
N PHE C 138 -8.95 -15.79 21.81
CA PHE C 138 -7.60 -15.50 22.27
C PHE C 138 -7.68 -15.09 23.74
N VAL C 139 -7.09 -15.91 24.61
CA VAL C 139 -7.35 -15.83 26.04
C VAL C 139 -6.07 -15.69 26.83
N SER C 140 -6.23 -15.24 28.08
CA SER C 140 -5.13 -15.00 29.00
C SER C 140 -4.50 -16.31 29.46
N PRO C 141 -3.17 -16.38 29.53
CA PRO C 141 -2.50 -17.57 30.09
C PRO C 141 -2.92 -17.86 31.53
N LYS C 142 -3.32 -16.84 32.28
CA LYS C 142 -3.73 -16.96 33.65
C LYS C 142 -5.23 -17.16 33.82
N ASP C 143 -6.00 -17.16 32.73
CA ASP C 143 -7.45 -17.33 32.79
C ASP C 143 -7.87 -17.70 31.37
N LYS C 144 -8.02 -19.00 31.12
CA LYS C 144 -8.35 -19.47 29.79
C LYS C 144 -9.75 -19.06 29.34
N ASP C 145 -10.53 -18.40 30.19
CA ASP C 145 -11.83 -17.90 29.76
C ASP C 145 -11.87 -16.39 29.59
N LYS C 146 -10.78 -15.68 29.87
CA LYS C 146 -10.78 -14.23 29.75
C LYS C 146 -10.10 -13.85 28.43
N ARG C 147 -10.85 -13.24 27.53
CA ARG C 147 -10.29 -12.82 26.26
C ARG C 147 -9.31 -11.68 26.49
N VAL C 148 -8.24 -11.65 25.70
CA VAL C 148 -7.29 -10.55 25.77
C VAL C 148 -7.10 -9.96 24.38
N LEU C 149 -6.76 -8.68 24.34
CA LEU C 149 -6.52 -7.96 23.11
C LEU C 149 -5.15 -8.35 22.57
N VAL C 150 -5.10 -8.92 21.37
CA VAL C 150 -3.84 -9.36 20.80
C VAL C 150 -3.11 -8.28 20.02
N TYR C 151 -3.80 -7.18 19.69
CA TYR C 151 -3.20 -6.07 18.95
C TYR C 151 -2.50 -5.05 19.84
N VAL C 152 -1.66 -5.51 20.77
CA VAL C 152 -1.14 -4.73 21.90
C VAL C 152 -0.08 -5.60 22.55
N MET D 3 -3.44 6.74 21.43
CA MET D 3 -2.20 7.29 20.87
C MET D 3 -2.19 7.32 19.36
N THR D 4 -3.10 6.58 18.74
CA THR D 4 -3.25 6.60 17.29
C THR D 4 -4.51 7.35 16.93
N THR D 5 -4.33 8.37 16.09
CA THR D 5 -5.39 9.27 15.69
C THR D 5 -5.93 8.82 14.34
N PHE D 6 -7.24 8.91 14.17
CA PHE D 6 -7.88 8.41 12.98
C PHE D 6 -9.14 9.22 12.70
N LEU D 7 -9.65 9.05 11.49
CA LEU D 7 -10.94 9.58 11.11
C LEU D 7 -11.94 8.44 11.11
N ILE D 8 -13.16 8.71 11.56
CA ILE D 8 -14.21 7.70 11.52
C ILE D 8 -15.02 8.01 10.27
N LYS D 9 -14.81 7.22 9.23
CA LYS D 9 -15.40 7.47 7.92
C LYS D 9 -16.60 6.55 7.72
N HIS D 10 -17.74 7.14 7.43
CA HIS D 10 -18.93 6.38 7.05
C HIS D 10 -18.67 5.75 5.68
N LYS D 11 -18.60 4.41 5.64
CA LYS D 11 -18.08 3.73 4.46
C LYS D 11 -18.92 4.02 3.22
N ALA D 12 -20.25 4.00 3.36
CA ALA D 12 -21.10 4.11 2.18
C ALA D 12 -21.05 5.49 1.57
N SER D 13 -20.89 6.55 2.37
CA SER D 13 -20.97 7.90 1.86
C SER D 13 -19.61 8.60 1.79
N GLY D 14 -18.62 8.14 2.55
CA GLY D 14 -17.37 8.85 2.69
C GLY D 14 -17.39 10.06 3.58
N LYS D 15 -18.53 10.40 4.19
CA LYS D 15 -18.54 11.42 5.21
C LYS D 15 -17.90 10.90 6.49
N PHE D 16 -17.70 11.80 7.44
CA PHE D 16 -16.98 11.49 8.66
C PHE D 16 -17.80 11.89 9.89
N LEU D 17 -17.47 11.27 11.01
CA LEU D 17 -18.10 11.60 12.27
C LEU D 17 -17.53 12.91 12.80
N HIS D 18 -18.41 13.85 13.13
CA HIS D 18 -18.03 15.15 13.65
C HIS D 18 -18.79 15.43 14.94
N PRO D 19 -18.23 16.24 15.82
CA PRO D 19 -19.08 16.92 16.81
C PRO D 19 -19.93 17.96 16.11
N LYS D 20 -21.19 18.06 16.52
CA LYS D 20 -22.06 19.06 15.91
C LYS D 20 -21.52 20.46 16.18
N GLY D 21 -21.16 21.16 15.11
CA GLY D 21 -20.55 22.46 15.19
C GLY D 21 -19.06 22.49 14.93
N GLY D 22 -18.38 21.34 15.04
CA GLY D 22 -16.98 21.30 14.69
C GLY D 22 -16.06 21.97 15.67
N SER D 23 -16.50 22.14 16.92
CA SER D 23 -15.69 22.85 17.91
C SER D 23 -14.60 21.96 18.48
N SER D 24 -13.48 22.58 18.86
CA SER D 24 -12.39 21.88 19.52
C SER D 24 -12.70 21.62 20.99
N ASN D 25 -13.81 22.13 21.50
CA ASN D 25 -14.27 21.88 22.86
C ASN D 25 -15.79 21.87 22.86
N PRO D 26 -16.42 20.96 22.13
CA PRO D 26 -17.90 20.91 22.14
C PRO D 26 -18.37 20.68 23.56
N ALA D 27 -19.46 21.34 23.91
CA ALA D 27 -20.03 21.15 25.23
C ALA D 27 -20.53 19.74 25.43
N ASN D 28 -20.61 19.34 26.69
CA ASN D 28 -21.25 18.09 27.07
C ASN D 28 -22.61 17.96 26.41
N ASP D 29 -22.90 16.76 25.93
CA ASP D 29 -24.16 16.36 25.29
C ASP D 29 -24.31 16.95 23.88
N THR D 30 -23.22 17.45 23.30
CA THR D 30 -23.22 17.82 21.89
C THR D 30 -23.42 16.59 21.02
N ASN D 31 -24.35 16.68 20.07
CA ASN D 31 -24.69 15.52 19.19
C ASN D 31 -23.60 15.27 18.15
N LEU D 32 -23.27 13.99 17.95
CA LEU D 32 -22.33 13.55 16.92
C LEU D 32 -23.08 13.44 15.59
N VAL D 33 -22.52 14.03 14.55
CA VAL D 33 -23.15 14.08 13.25
C VAL D 33 -22.18 13.59 12.19
N LEU D 34 -22.69 13.39 10.99
CA LEU D 34 -21.88 13.08 9.83
C LEU D 34 -21.63 14.35 9.04
N HIS D 35 -20.40 14.53 8.58
CA HIS D 35 -20.06 15.70 7.78
C HIS D 35 -18.92 15.32 6.86
N SER D 36 -18.92 15.92 5.66
CA SER D 36 -17.89 15.62 4.67
C SER D 36 -16.52 16.23 5.01
N ASP D 37 -16.47 17.29 5.83
CA ASP D 37 -15.25 18.04 6.01
C ASP D 37 -14.23 17.22 6.77
N ILE D 38 -12.96 17.58 6.57
CA ILE D 38 -11.85 17.00 7.34
C ILE D 38 -11.09 18.16 7.96
N HIS D 39 -10.78 18.07 9.25
CA HIS D 39 -10.00 19.06 9.98
C HIS D 39 -9.70 18.46 11.35
N GLU D 40 -8.90 19.16 12.14
CA GLU D 40 -8.37 18.58 13.35
C GLU D 40 -9.45 18.35 14.41
N ARG D 41 -10.62 18.96 14.26
CA ARG D 41 -11.68 18.84 15.24
C ARG D 41 -12.65 17.71 14.95
N MET D 42 -12.32 16.86 13.97
CA MET D 42 -13.03 15.60 13.76
C MET D 42 -12.11 14.39 13.87
N TYR D 43 -10.90 14.57 14.39
CA TYR D 43 -10.01 13.45 14.64
C TYR D 43 -10.48 12.72 15.89
N PHE D 44 -10.36 11.39 15.88
CA PHE D 44 -10.71 10.60 17.04
C PHE D 44 -9.53 9.73 17.46
N GLN D 45 -9.61 9.28 18.72
CA GLN D 45 -8.70 8.30 19.28
C GLN D 45 -9.55 7.25 19.98
N PHE D 46 -8.92 6.12 20.30
CA PHE D 46 -9.61 5.05 21.00
C PHE D 46 -8.76 4.61 22.18
N ASP D 47 -9.35 4.63 23.36
CA ASP D 47 -8.63 4.31 24.59
C ASP D 47 -9.15 2.96 25.06
N VAL D 48 -8.32 1.92 24.96
CA VAL D 48 -8.76 0.58 25.30
C VAL D 48 -8.96 0.48 26.81
N VAL D 49 -10.05 -0.13 27.23
CA VAL D 49 -10.36 -0.32 28.65
C VAL D 49 -10.29 -1.79 29.03
N ASP D 50 -10.92 -2.66 28.25
CA ASP D 50 -11.03 -4.08 28.61
C ASP D 50 -11.17 -4.84 27.29
N GLU D 51 -10.05 -5.40 26.82
CA GLU D 51 -10.01 -6.15 25.57
C GLU D 51 -10.54 -5.32 24.41
N ARG D 52 -11.70 -5.70 23.85
CA ARG D 52 -12.24 -4.94 22.72
C ARG D 52 -12.91 -3.65 23.13
N TRP D 53 -13.24 -3.48 24.40
CA TRP D 53 -14.09 -2.36 24.82
C TRP D 53 -13.22 -1.17 25.21
N GLY D 54 -13.67 0.01 24.81
CA GLY D 54 -12.99 1.21 25.22
C GLY D 54 -13.81 2.44 24.94
N TYR D 55 -13.15 3.59 25.08
CA TYR D 55 -13.79 4.89 24.88
C TYR D 55 -13.38 5.45 23.53
N ILE D 56 -14.36 5.94 22.78
CA ILE D 56 -14.11 6.63 21.52
C ILE D 56 -13.95 8.10 21.88
N LYS D 57 -12.78 8.66 21.63
CA LYS D 57 -12.43 9.95 22.23
C LYS D 57 -12.21 10.98 21.14
N HIS D 58 -12.90 12.12 21.28
CA HIS D 58 -12.67 13.26 20.43
C HIS D 58 -11.32 13.89 20.76
N ALA D 59 -10.42 13.91 19.77
CA ALA D 59 -9.02 14.22 20.05
C ALA D 59 -8.87 15.64 20.59
N ALA D 60 -9.60 16.59 20.01
CA ALA D 60 -9.39 17.99 20.36
C ALA D 60 -9.89 18.35 21.76
N SER D 61 -10.92 17.65 22.26
CA SER D 61 -11.51 18.02 23.53
C SER D 61 -11.32 17.00 24.65
N GLY D 62 -10.96 15.76 24.31
CA GLY D 62 -10.90 14.70 25.29
C GLY D 62 -12.24 14.14 25.70
N LYS D 63 -13.34 14.68 25.16
CA LYS D 63 -14.67 14.14 25.45
C LYS D 63 -14.85 12.83 24.70
N ILE D 64 -15.64 11.94 25.27
CA ILE D 64 -15.84 10.62 24.68
C ILE D 64 -17.29 10.48 24.24
N VAL D 65 -17.53 9.47 23.41
CA VAL D 65 -18.85 9.21 22.84
C VAL D 65 -19.72 8.52 23.88
N HIS D 66 -20.93 9.03 24.07
CA HIS D 66 -21.94 8.47 24.95
C HIS D 66 -23.27 8.35 24.21
N PRO D 67 -24.08 7.35 24.54
CA PRO D 67 -25.51 7.45 24.24
C PRO D 67 -26.12 8.55 25.09
N LEU D 68 -26.91 9.41 24.47
CA LEU D 68 -27.50 10.51 25.23
C LEU D 68 -28.31 9.95 26.40
N GLY D 69 -28.01 10.43 27.60
CA GLY D 69 -28.61 9.93 28.81
C GLY D 69 -27.76 8.92 29.54
N GLY D 70 -26.78 8.32 28.87
CA GLY D 70 -25.83 7.45 29.53
C GLY D 70 -26.39 6.17 30.09
N LYS D 71 -27.45 5.63 29.48
CA LYS D 71 -28.01 4.37 29.97
C LYS D 71 -27.20 3.17 29.49
N ALA D 72 -27.26 2.11 30.29
CA ALA D 72 -26.49 0.91 30.00
C ALA D 72 -26.99 0.19 28.76
N ASP D 73 -28.31 0.23 28.52
CA ASP D 73 -28.96 -0.52 27.45
C ASP D 73 -29.88 0.42 26.68
N PRO D 74 -29.31 1.37 25.93
CA PRO D 74 -30.12 2.39 25.25
C PRO D 74 -30.99 1.83 24.14
N PRO D 75 -32.20 2.33 23.99
CA PRO D 75 -33.09 1.88 22.91
C PRO D 75 -32.66 2.41 21.55
N ASN D 76 -33.22 1.80 20.50
CA ASN D 76 -33.02 2.29 19.14
C ASN D 76 -33.37 3.77 19.04
N GLU D 77 -32.60 4.51 18.24
CA GLU D 77 -32.73 5.94 17.99
C GLU D 77 -32.17 6.80 19.10
N THR D 78 -31.53 6.22 20.12
CA THR D 78 -30.86 7.05 21.12
C THR D 78 -29.74 7.81 20.44
N LYS D 79 -29.75 9.12 20.62
CA LYS D 79 -28.75 9.96 19.99
C LYS D 79 -27.39 9.72 20.64
N LEU D 80 -26.34 9.82 19.83
CA LEU D 80 -24.98 9.76 20.34
C LEU D 80 -24.43 11.17 20.52
N VAL D 81 -23.78 11.37 21.67
CA VAL D 81 -23.28 12.68 22.07
C VAL D 81 -21.86 12.52 22.60
N LEU D 82 -21.21 13.66 22.83
CA LEU D 82 -19.92 13.72 23.49
C LEU D 82 -20.12 14.18 24.92
N HIS D 83 -19.36 13.58 25.84
CA HIS D 83 -19.45 13.94 27.25
C HIS D 83 -18.10 13.62 27.88
N GLN D 84 -17.71 14.43 28.87
CA GLN D 84 -16.40 14.23 29.49
C GLN D 84 -16.37 13.02 30.41
N ASP D 85 -17.52 12.57 30.92
CA ASP D 85 -17.53 11.50 31.90
C ASP D 85 -16.98 10.21 31.30
N ARG D 86 -16.31 9.43 32.14
CA ARG D 86 -15.90 8.07 31.79
C ARG D 86 -16.69 7.11 32.67
N HIS D 87 -17.38 6.16 32.04
CA HIS D 87 -18.07 5.09 32.77
C HIS D 87 -18.42 3.98 31.79
N ASP D 88 -19.00 2.91 32.34
CA ASP D 88 -19.18 1.67 31.58
C ASP D 88 -20.23 1.83 30.48
N ARG D 89 -21.17 2.75 30.63
CA ARG D 89 -22.20 2.91 29.61
C ARG D 89 -21.67 3.64 28.37
N ALA D 90 -20.42 4.11 28.41
CA ALA D 90 -19.77 4.73 27.27
C ALA D 90 -18.72 3.80 26.65
N LEU D 91 -18.85 2.50 26.84
CA LEU D 91 -17.91 1.54 26.26
C LEU D 91 -18.37 1.12 24.87
N PHE D 92 -17.44 1.16 23.92
CA PHE D 92 -17.68 0.73 22.55
C PHE D 92 -16.53 -0.19 22.12
N ALA D 93 -16.78 -0.96 21.07
CA ALA D 93 -15.74 -1.69 20.37
C ALA D 93 -15.67 -1.22 18.93
N MET D 94 -14.45 -1.17 18.39
CA MET D 94 -14.22 -0.73 17.02
C MET D 94 -13.97 -1.98 16.18
N ASP D 95 -15.04 -2.50 15.59
CA ASP D 95 -14.99 -3.77 14.85
C ASP D 95 -14.45 -3.46 13.46
N PHE D 96 -13.13 -3.58 13.28
CA PHE D 96 -12.52 -3.27 12.00
C PHE D 96 -12.52 -4.45 11.04
N PHE D 97 -13.13 -5.57 11.42
CA PHE D 97 -13.32 -6.71 10.53
C PHE D 97 -14.69 -6.71 9.86
N ASN D 98 -15.74 -6.43 10.61
CA ASN D 98 -17.06 -6.25 10.03
C ASN D 98 -17.37 -4.80 9.70
N ASP D 99 -16.47 -3.89 10.10
CA ASP D 99 -16.56 -2.46 9.78
C ASP D 99 -17.78 -1.82 10.44
N ASN D 100 -17.88 -1.91 11.75
CA ASN D 100 -18.95 -1.22 12.46
C ASN D 100 -18.48 -0.86 13.85
N ILE D 101 -19.31 -0.07 14.54
CA ILE D 101 -19.03 0.38 15.89
C ILE D 101 -20.15 -0.11 16.80
N ILE D 102 -19.82 -0.96 17.76
CA ILE D 102 -20.80 -1.62 18.59
C ILE D 102 -20.67 -1.13 20.02
N HIS D 103 -21.81 -0.84 20.64
CA HIS D 103 -21.89 -0.43 22.03
C HIS D 103 -21.88 -1.67 22.92
N LYS D 104 -21.49 -1.47 24.19
CA LYS D 104 -21.41 -2.57 25.14
C LYS D 104 -22.71 -3.37 25.22
N ALA D 105 -23.86 -2.73 25.03
CA ALA D 105 -25.14 -3.41 25.11
C ALA D 105 -25.59 -4.01 23.79
N GLY D 106 -24.79 -3.93 22.73
CA GLY D 106 -25.01 -4.74 21.54
C GLY D 106 -25.58 -4.01 20.35
N LYS D 107 -26.00 -2.76 20.50
CA LYS D 107 -26.47 -1.97 19.36
C LYS D 107 -25.30 -1.24 18.70
N TYR D 108 -25.54 -0.72 17.51
CA TYR D 108 -24.51 -0.12 16.68
C TYR D 108 -24.77 1.37 16.47
N ILE D 109 -23.72 2.09 16.09
CA ILE D 109 -23.85 3.48 15.68
C ILE D 109 -24.38 3.53 14.26
N HIS D 110 -25.45 4.30 14.05
CA HIS D 110 -26.04 4.49 12.73
C HIS D 110 -26.15 5.96 12.42
N PRO D 111 -26.16 6.33 11.15
CA PRO D 111 -26.77 7.61 10.78
C PRO D 111 -28.27 7.52 10.99
N LYS D 112 -28.85 8.58 11.55
CA LYS D 112 -30.30 8.58 11.75
C LYS D 112 -30.99 8.47 10.40
N GLY D 113 -31.83 7.44 10.25
CA GLY D 113 -32.51 7.19 9.00
C GLY D 113 -31.89 6.13 8.12
N GLY D 114 -30.64 5.75 8.38
CA GLY D 114 -30.09 4.59 7.69
C GLY D 114 -29.74 4.80 6.23
N SER D 115 -29.49 6.04 5.80
CA SER D 115 -29.22 6.31 4.39
C SER D 115 -27.77 5.98 4.07
N THR D 116 -27.54 5.42 2.88
CA THR D 116 -26.17 5.29 2.38
C THR D 116 -25.55 6.63 2.02
N ASN D 117 -26.34 7.69 1.89
CA ASN D 117 -25.83 9.02 1.57
C ASN D 117 -26.46 10.05 2.50
N PRO D 118 -26.18 9.99 3.79
CA PRO D 118 -26.79 10.95 4.71
C PRO D 118 -26.20 12.32 4.46
N PRO D 119 -27.03 13.37 4.49
CA PRO D 119 -26.49 14.72 4.33
C PRO D 119 -25.69 15.19 5.52
N ASN D 120 -24.88 16.21 5.28
CA ASN D 120 -24.14 16.87 6.35
C ASN D 120 -25.11 17.24 7.46
N GLU D 121 -24.65 17.07 8.71
CA GLU D 121 -25.39 17.35 9.95
C GLU D 121 -26.36 16.24 10.31
N THR D 122 -26.40 15.12 9.57
CA THR D 122 -27.24 14.00 9.98
C THR D 122 -26.81 13.54 11.36
N LEU D 123 -27.77 13.36 12.26
CA LEU D 123 -27.44 12.90 13.59
C LEU D 123 -27.00 11.44 13.53
N THR D 124 -26.33 11.00 14.57
CA THR D 124 -26.05 9.58 14.72
C THR D 124 -26.85 9.06 15.90
N VAL D 125 -27.24 7.80 15.81
CA VAL D 125 -28.10 7.16 16.80
C VAL D 125 -27.66 5.73 17.00
N MET D 126 -27.94 5.21 18.19
CA MET D 126 -27.83 3.77 18.40
C MET D 126 -28.95 3.08 17.66
N HIS D 127 -28.62 1.94 17.04
CA HIS D 127 -29.66 1.14 16.42
C HIS D 127 -29.15 -0.27 16.27
N GLY D 128 -30.05 -1.24 16.42
CA GLY D 128 -29.69 -2.65 16.42
C GLY D 128 -29.47 -3.28 15.06
N ASP D 129 -29.90 -2.64 13.97
CA ASP D 129 -29.78 -3.30 12.68
C ASP D 129 -28.35 -3.30 12.19
N LYS D 130 -28.03 -4.30 11.36
CA LYS D 130 -26.74 -4.41 10.71
C LYS D 130 -26.98 -4.38 9.20
N HIS D 131 -26.28 -3.49 8.51
CA HIS D 131 -26.42 -3.32 7.07
C HIS D 131 -25.29 -2.43 6.56
N LYS D 132 -25.29 -2.15 5.26
CA LYS D 132 -24.21 -1.36 4.61
C LYS D 132 -24.36 0.14 4.92
N ALA D 133 -25.43 0.53 5.61
CA ALA D 133 -25.66 1.96 5.92
C ALA D 133 -25.14 2.29 7.33
N MET D 134 -24.63 1.30 8.06
CA MET D 134 -24.13 1.53 9.44
C MET D 134 -22.65 1.11 9.54
N GLU D 135 -21.99 0.92 8.39
CA GLU D 135 -20.60 0.53 8.37
C GLU D 135 -19.67 1.74 8.42
N PHE D 136 -18.63 1.62 9.23
CA PHE D 136 -17.63 2.67 9.37
C PHE D 136 -16.25 2.04 9.29
N ILE D 137 -15.32 2.78 8.72
CA ILE D 137 -13.92 2.38 8.68
C ILE D 137 -13.10 3.49 9.32
N PHE D 138 -11.90 3.12 9.75
CA PHE D 138 -11.07 3.98 10.58
C PHE D 138 -9.78 4.22 9.80
N VAL D 139 -9.57 5.47 9.42
CA VAL D 139 -8.59 5.84 8.41
C VAL D 139 -7.64 6.92 8.94
N SER D 140 -6.52 7.05 8.26
CA SER D 140 -5.48 7.99 8.66
C SER D 140 -5.94 9.43 8.42
N PRO D 141 -5.65 10.34 9.35
CA PRO D 141 -5.96 11.76 9.15
C PRO D 141 -5.31 12.34 7.91
N LYS D 142 -4.16 11.80 7.50
CA LYS D 142 -3.42 12.26 6.35
C LYS D 142 -3.77 11.52 5.06
N ASP D 143 -4.57 10.46 5.14
CA ASP D 143 -4.90 9.66 3.95
C ASP D 143 -6.24 8.97 4.23
N LYS D 144 -7.33 9.60 3.80
CA LYS D 144 -8.68 9.13 4.11
C LYS D 144 -9.02 7.77 3.51
N ASP D 145 -8.15 7.18 2.70
CA ASP D 145 -8.37 5.83 2.19
C ASP D 145 -7.46 4.79 2.82
N LYS D 146 -6.56 5.18 3.73
CA LYS D 146 -5.67 4.23 4.37
C LYS D 146 -6.20 3.86 5.75
N ARG D 147 -6.55 2.59 5.92
CA ARG D 147 -7.03 2.13 7.22
C ARG D 147 -5.89 2.13 8.22
N VAL D 148 -6.18 2.45 9.47
CA VAL D 148 -5.18 2.40 10.53
C VAL D 148 -5.69 1.57 11.69
N LEU D 149 -4.76 0.97 12.44
CA LEU D 149 -5.12 0.17 13.60
C LEU D 149 -5.45 1.09 14.77
N VAL D 150 -6.69 1.00 15.28
CA VAL D 150 -7.13 1.87 16.36
C VAL D 150 -6.84 1.29 17.75
N TYR D 151 -6.53 0.00 17.84
CA TYR D 151 -6.25 -0.63 19.13
C TYR D 151 -4.78 -0.51 19.59
N VAL D 152 -4.21 0.69 19.41
CA VAL D 152 -2.79 0.95 19.81
C VAL D 152 -2.59 2.47 19.93
N MET E 3 -1.17 11.08 -21.22
CA MET E 3 -0.85 12.23 -22.12
C MET E 3 -1.07 11.79 -23.57
N THR E 4 -0.58 10.61 -23.94
CA THR E 4 -0.72 10.08 -25.32
C THR E 4 -2.10 9.44 -25.47
N THR E 5 -2.84 9.81 -26.52
CA THR E 5 -4.20 9.27 -26.76
C THR E 5 -4.11 7.94 -27.54
N PHE E 6 -5.17 7.13 -27.47
CA PHE E 6 -5.21 5.85 -28.13
C PHE E 6 -6.66 5.48 -28.41
N LEU E 7 -6.84 4.48 -29.25
CA LEU E 7 -8.14 3.90 -29.48
C LEU E 7 -8.20 2.58 -28.72
N ILE E 8 -9.36 2.29 -28.13
CA ILE E 8 -9.58 1.04 -27.43
C ILE E 8 -10.31 0.14 -28.43
N LYS E 9 -9.58 -0.80 -29.00
CA LYS E 9 -10.05 -1.62 -30.10
C LYS E 9 -10.46 -3.01 -29.60
N HIS E 10 -11.70 -3.40 -29.87
CA HIS E 10 -12.14 -4.76 -29.60
C HIS E 10 -11.44 -5.67 -30.60
N LYS E 11 -10.57 -6.56 -30.10
CA LYS E 11 -9.65 -7.26 -31.00
C LYS E 11 -10.40 -8.11 -32.01
N ALA E 12 -11.44 -8.84 -31.57
CA ALA E 12 -12.09 -9.81 -32.44
C ALA E 12 -12.89 -9.15 -33.55
N SER E 13 -13.48 -7.98 -33.29
CA SER E 13 -14.37 -7.35 -34.26
C SER E 13 -13.77 -6.14 -34.95
N GLY E 14 -12.76 -5.51 -34.37
CA GLY E 14 -12.27 -4.24 -34.87
C GLY E 14 -13.13 -3.04 -34.55
N LYS E 15 -14.24 -3.22 -33.83
CA LYS E 15 -14.97 -2.06 -33.33
C LYS E 15 -14.20 -1.43 -32.18
N PHE E 16 -14.68 -0.26 -31.75
CA PHE E 16 -13.98 0.52 -30.76
C PHE E 16 -14.91 0.89 -29.61
N LEU E 17 -14.31 1.16 -28.46
CA LEU E 17 -15.07 1.62 -27.31
C LEU E 17 -15.53 3.05 -27.55
N HIS E 18 -16.85 3.27 -27.54
CA HIS E 18 -17.37 4.62 -27.67
C HIS E 18 -18.20 4.99 -26.45
N PRO E 19 -18.28 6.28 -26.12
CA PRO E 19 -19.39 6.75 -25.30
C PRO E 19 -20.68 6.69 -26.11
N LYS E 20 -21.74 6.14 -25.51
CA LYS E 20 -23.01 6.02 -26.21
C LYS E 20 -23.53 7.39 -26.64
N GLY E 21 -23.45 7.70 -27.94
CA GLY E 21 -23.88 8.97 -28.48
C GLY E 21 -22.78 9.76 -29.16
N GLY E 22 -21.52 9.47 -28.87
CA GLY E 22 -20.42 10.12 -29.56
C GLY E 22 -20.19 11.56 -29.17
N SER E 23 -20.65 11.96 -27.99
CA SER E 23 -20.55 13.34 -27.56
C SER E 23 -19.15 13.64 -27.04
N SER E 24 -18.69 14.86 -27.28
CA SER E 24 -17.43 15.34 -26.71
C SER E 24 -17.56 15.70 -25.24
N ASN E 25 -18.78 15.84 -24.74
CA ASN E 25 -19.05 16.09 -23.32
C ASN E 25 -20.26 15.28 -22.89
N PRO E 26 -20.18 13.94 -23.02
CA PRO E 26 -21.31 13.11 -22.60
C PRO E 26 -21.60 13.31 -21.13
N ALA E 27 -22.88 13.31 -20.80
CA ALA E 27 -23.28 13.46 -19.41
C ALA E 27 -22.83 12.26 -18.59
N ASN E 28 -22.72 12.51 -17.29
CA ASN E 28 -22.49 11.45 -16.30
C ASN E 28 -23.44 10.28 -16.49
N ASP E 29 -22.89 9.08 -16.33
CA ASP E 29 -23.57 7.79 -16.41
C ASP E 29 -23.93 7.38 -17.83
N THR E 30 -23.34 8.03 -18.84
CA THR E 30 -23.46 7.56 -20.21
C THR E 30 -22.79 6.20 -20.38
N ASN E 31 -23.49 5.26 -21.00
CA ASN E 31 -22.94 3.92 -21.21
C ASN E 31 -21.79 3.98 -22.21
N LEU E 32 -20.87 3.04 -22.07
CA LEU E 32 -19.83 2.82 -23.07
C LEU E 32 -20.23 1.64 -23.93
N VAL E 33 -20.25 1.85 -25.25
CA VAL E 33 -20.68 0.85 -26.20
C VAL E 33 -19.55 0.61 -27.20
N LEU E 34 -19.73 -0.42 -28.01
CA LEU E 34 -18.81 -0.71 -29.11
C LEU E 34 -19.40 -0.15 -30.39
N HIS E 35 -18.57 0.56 -31.16
CA HIS E 35 -18.98 1.14 -32.42
C HIS E 35 -17.79 1.13 -33.35
N SER E 36 -18.07 0.95 -34.63
CA SER E 36 -17.03 0.86 -35.65
C SER E 36 -16.39 2.22 -35.95
N ASP E 37 -17.07 3.33 -35.65
CA ASP E 37 -16.59 4.63 -36.11
C ASP E 37 -15.31 5.04 -35.39
N ILE E 38 -14.56 5.91 -36.06
CA ILE E 38 -13.36 6.53 -35.49
C ILE E 38 -13.53 8.04 -35.58
N HIS E 39 -13.25 8.73 -34.49
CA HIS E 39 -13.28 10.18 -34.42
C HIS E 39 -12.70 10.57 -33.07
N GLU E 40 -12.38 11.85 -32.91
CA GLU E 40 -11.67 12.27 -31.71
C GLU E 40 -12.52 12.16 -30.44
N ARG E 41 -13.83 11.99 -30.58
CA ARG E 41 -14.71 11.87 -29.42
C ARG E 41 -14.82 10.45 -28.89
N MET E 42 -14.05 9.51 -29.45
CA MET E 42 -13.89 8.18 -28.88
C MET E 42 -12.43 7.88 -28.56
N TYR E 43 -11.57 8.90 -28.55
CA TYR E 43 -10.19 8.74 -28.12
C TYR E 43 -10.13 8.62 -26.61
N PHE E 44 -9.22 7.79 -26.13
CA PHE E 44 -9.02 7.64 -24.70
C PHE E 44 -7.58 7.92 -24.30
N GLN E 45 -7.42 8.20 -23.00
CA GLN E 45 -6.13 8.32 -22.34
C GLN E 45 -6.19 7.49 -21.08
N PHE E 46 -5.02 7.26 -20.49
CA PHE E 46 -4.93 6.51 -19.24
C PHE E 46 -4.07 7.28 -18.25
N ASP E 47 -4.61 7.54 -17.06
CA ASP E 47 -3.92 8.31 -16.03
C ASP E 47 -3.52 7.35 -14.93
N VAL E 48 -2.22 7.10 -14.82
CA VAL E 48 -1.71 6.11 -13.88
C VAL E 48 -1.88 6.65 -12.47
N VAL E 49 -2.32 5.79 -11.56
CA VAL E 49 -2.52 6.13 -10.17
C VAL E 49 -1.52 5.39 -9.29
N ASP E 50 -1.38 4.08 -9.49
CA ASP E 50 -0.55 3.26 -8.62
C ASP E 50 -0.04 2.08 -9.44
N GLU E 51 1.19 2.17 -9.92
CA GLU E 51 1.82 1.15 -10.75
C GLU E 51 0.95 0.82 -11.95
N ARG E 52 0.37 -0.38 -12.00
CA ARG E 52 -0.45 -0.75 -13.14
C ARG E 52 -1.84 -0.10 -13.13
N TRP E 53 -2.28 0.42 -11.99
CA TRP E 53 -3.66 0.85 -11.84
C TRP E 53 -3.81 2.32 -12.22
N GLY E 54 -4.90 2.63 -12.92
CA GLY E 54 -5.19 4.01 -13.22
C GLY E 54 -6.61 4.18 -13.72
N TYR E 55 -6.88 5.38 -14.23
CA TYR E 55 -8.19 5.75 -14.74
C TYR E 55 -8.18 5.74 -16.27
N ILE E 56 -9.19 5.12 -16.86
CA ILE E 56 -9.37 5.16 -18.31
C ILE E 56 -10.24 6.38 -18.59
N LYS E 57 -9.71 7.33 -19.32
CA LYS E 57 -10.30 8.66 -19.40
C LYS E 57 -10.68 8.94 -20.85
N HIS E 58 -11.92 9.38 -21.03
CA HIS E 58 -12.41 9.86 -22.31
C HIS E 58 -11.77 11.20 -22.64
N ALA E 59 -11.02 11.23 -23.75
CA ALA E 59 -10.12 12.36 -24.01
C ALA E 59 -10.90 13.66 -24.17
N ALA E 60 -12.04 13.63 -24.85
CA ALA E 60 -12.74 14.86 -25.17
C ALA E 60 -13.37 15.52 -23.95
N SER E 61 -13.77 14.72 -22.95
CA SER E 61 -14.51 15.25 -21.81
C SER E 61 -13.75 15.20 -20.48
N GLY E 62 -12.69 14.41 -20.38
CA GLY E 62 -12.03 14.20 -19.11
C GLY E 62 -12.75 13.26 -18.16
N LYS E 63 -13.90 12.74 -18.55
CA LYS E 63 -14.63 11.77 -17.73
C LYS E 63 -13.92 10.43 -17.80
N ILE E 64 -14.02 9.65 -16.72
CA ILE E 64 -13.35 8.37 -16.66
C ILE E 64 -14.37 7.24 -16.59
N VAL E 65 -13.89 6.04 -16.85
CA VAL E 65 -14.71 4.83 -16.88
C VAL E 65 -15.01 4.39 -15.46
N HIS E 66 -16.29 4.11 -15.19
CA HIS E 66 -16.73 3.60 -13.91
C HIS E 66 -17.61 2.37 -14.12
N PRO E 67 -17.59 1.43 -13.18
CA PRO E 67 -18.72 0.50 -13.07
C PRO E 67 -19.94 1.29 -12.62
N LEU E 68 -21.07 1.06 -13.29
CA LEU E 68 -22.27 1.80 -12.93
C LEU E 68 -22.59 1.54 -11.46
N GLY E 69 -22.74 2.62 -10.70
CA GLY E 69 -22.97 2.51 -9.28
C GLY E 69 -21.72 2.67 -8.42
N GLY E 70 -20.53 2.51 -9.01
CA GLY E 70 -19.30 2.79 -8.31
C GLY E 70 -18.94 1.86 -7.17
N LYS E 71 -19.37 0.60 -7.25
CA LYS E 71 -19.08 -0.40 -6.19
C LYS E 71 -17.65 -0.91 -6.36
N ALA E 72 -16.99 -1.28 -5.25
CA ALA E 72 -15.61 -1.80 -5.27
C ALA E 72 -15.57 -3.12 -6.02
N ASP E 73 -16.41 -4.08 -5.62
CA ASP E 73 -16.47 -5.42 -6.26
C ASP E 73 -17.81 -5.54 -7.02
N PRO E 74 -17.97 -4.92 -8.21
CA PRO E 74 -19.22 -4.99 -8.98
C PRO E 74 -19.50 -6.39 -9.50
N PRO E 75 -20.76 -6.80 -9.51
CA PRO E 75 -21.11 -8.13 -10.03
C PRO E 75 -21.05 -8.19 -11.54
N ASN E 76 -21.04 -9.42 -12.06
CA ASN E 76 -21.11 -9.64 -13.50
C ASN E 76 -22.32 -8.92 -14.10
N GLU E 77 -22.14 -8.37 -15.30
CA GLU E 77 -23.13 -7.64 -16.09
C GLU E 77 -23.30 -6.20 -15.63
N THR E 78 -22.51 -5.72 -14.69
CA THR E 78 -22.57 -4.31 -14.35
C THR E 78 -22.15 -3.48 -15.56
N LYS E 79 -23.00 -2.54 -15.95
CA LYS E 79 -22.70 -1.73 -17.13
C LYS E 79 -21.56 -0.79 -16.81
N LEU E 80 -20.75 -0.51 -17.83
CA LEU E 80 -19.69 0.49 -17.70
C LEU E 80 -20.15 1.83 -18.23
N VAL E 81 -19.86 2.89 -17.47
CA VAL E 81 -20.32 4.24 -17.78
C VAL E 81 -19.16 5.22 -17.57
N LEU E 82 -19.34 6.42 -18.13
CA LEU E 82 -18.43 7.54 -17.90
C LEU E 82 -18.95 8.41 -16.76
N HIS E 83 -18.03 9.10 -16.08
CA HIS E 83 -18.41 9.89 -14.91
C HIS E 83 -17.20 10.70 -14.45
N GLN E 84 -17.46 11.91 -13.94
CA GLN E 84 -16.37 12.78 -13.51
C GLN E 84 -15.72 12.37 -12.20
N ASP E 85 -16.40 11.59 -11.35
CA ASP E 85 -15.79 11.32 -10.06
C ASP E 85 -14.49 10.55 -10.23
N ARG E 86 -13.54 10.84 -9.35
CA ARG E 86 -12.32 10.07 -9.23
C ARG E 86 -12.35 9.37 -7.87
N HIS E 87 -12.21 8.05 -7.89
CA HIS E 87 -12.10 7.29 -6.66
C HIS E 87 -11.56 5.91 -7.00
N ASP E 88 -11.19 5.16 -5.96
CA ASP E 88 -10.47 3.91 -6.16
C ASP E 88 -11.39 2.73 -6.51
N ARG E 89 -12.65 2.98 -6.87
CA ARG E 89 -13.48 1.94 -7.45
C ARG E 89 -13.57 2.04 -8.96
N ALA E 90 -12.97 3.08 -9.54
CA ALA E 90 -12.88 3.27 -10.99
C ALA E 90 -11.47 2.98 -11.50
N LEU E 91 -10.71 2.18 -10.77
CA LEU E 91 -9.34 1.81 -11.16
C LEU E 91 -9.35 0.59 -12.06
N PHE E 92 -8.61 0.68 -13.17
CA PHE E 92 -8.45 -0.39 -14.13
C PHE E 92 -6.97 -0.54 -14.45
N ALA E 93 -6.60 -1.70 -14.98
CA ALA E 93 -5.30 -1.90 -15.59
C ALA E 93 -5.43 -2.24 -17.07
N MET E 94 -4.53 -1.69 -17.88
CA MET E 94 -4.51 -1.90 -19.33
C MET E 94 -3.49 -2.99 -19.63
N ASP E 95 -3.96 -4.24 -19.69
CA ASP E 95 -3.07 -5.38 -19.84
C ASP E 95 -2.79 -5.55 -21.33
N PHE E 96 -1.71 -4.95 -21.81
CA PHE E 96 -1.37 -5.02 -23.23
C PHE E 96 -0.56 -6.25 -23.57
N PHE E 97 -0.30 -7.14 -22.61
CA PHE E 97 0.34 -8.42 -22.88
C PHE E 97 -0.66 -9.54 -23.06
N ASN E 98 -1.68 -9.61 -22.21
CA ASN E 98 -2.76 -10.56 -22.43
C ASN E 98 -3.91 -9.95 -23.21
N ASP E 99 -3.84 -8.63 -23.48
CA ASP E 99 -4.81 -7.92 -24.31
C ASP E 99 -6.20 -7.88 -23.69
N ASN E 100 -6.31 -7.35 -22.48
CA ASN E 100 -7.62 -7.17 -21.86
C ASN E 100 -7.56 -5.97 -20.92
N ILE E 101 -8.73 -5.60 -20.42
CA ILE E 101 -8.87 -4.48 -19.49
C ILE E 101 -9.48 -5.04 -18.21
N ILE E 102 -8.73 -4.95 -17.12
CA ILE E 102 -9.09 -5.58 -15.86
C ILE E 102 -9.40 -4.50 -14.83
N HIS E 103 -10.49 -4.71 -14.09
CA HIS E 103 -10.84 -3.83 -13.00
C HIS E 103 -10.06 -4.19 -11.74
N LYS E 104 -9.96 -3.20 -10.85
CA LYS E 104 -9.21 -3.38 -9.60
C LYS E 104 -9.68 -4.62 -8.85
N ALA E 105 -10.96 -4.97 -8.95
CA ALA E 105 -11.54 -6.12 -8.28
C ALA E 105 -11.46 -7.42 -9.09
N GLY E 106 -10.84 -7.40 -10.28
CA GLY E 106 -10.47 -8.63 -10.95
C GLY E 106 -11.33 -9.02 -12.14
N LYS E 107 -12.44 -8.35 -12.39
CA LYS E 107 -13.25 -8.61 -13.58
C LYS E 107 -12.77 -7.80 -14.76
N TYR E 108 -13.24 -8.17 -15.94
CA TYR E 108 -12.78 -7.60 -17.21
C TYR E 108 -13.93 -6.89 -17.90
N ILE E 109 -13.55 -6.05 -18.87
CA ILE E 109 -14.52 -5.29 -19.72
C ILE E 109 -14.91 -6.19 -20.89
N HIS E 110 -16.20 -6.53 -21.00
CA HIS E 110 -16.70 -7.39 -22.05
C HIS E 110 -17.71 -6.61 -22.88
N PRO E 111 -17.90 -6.96 -24.15
CA PRO E 111 -19.17 -6.60 -24.80
C PRO E 111 -20.29 -7.41 -24.16
N LYS E 112 -21.43 -6.76 -23.93
CA LYS E 112 -22.56 -7.47 -23.37
C LYS E 112 -22.99 -8.57 -24.36
N GLY E 113 -23.00 -9.81 -23.89
CA GLY E 113 -23.32 -10.94 -24.73
C GLY E 113 -22.14 -11.72 -25.24
N GLY E 114 -20.92 -11.17 -25.18
CA GLY E 114 -19.77 -12.01 -25.46
C GLY E 114 -19.53 -12.35 -26.91
N SER E 115 -20.04 -11.56 -27.85
CA SER E 115 -19.90 -11.91 -29.26
C SER E 115 -18.52 -11.51 -29.75
N THR E 116 -17.93 -12.35 -30.60
CA THR E 116 -16.74 -11.91 -31.28
C THR E 116 -17.00 -10.82 -32.32
N ASN E 117 -18.24 -10.64 -32.74
CA ASN E 117 -18.59 -9.63 -33.73
C ASN E 117 -19.85 -8.90 -33.26
N PRO E 118 -19.77 -8.15 -32.17
CA PRO E 118 -20.97 -7.44 -31.64
C PRO E 118 -21.38 -6.30 -32.56
N PRO E 119 -22.68 -6.08 -32.74
CA PRO E 119 -23.13 -4.96 -33.57
C PRO E 119 -22.88 -3.61 -32.90
N ASN E 120 -22.87 -2.57 -33.75
CA ASN E 120 -22.77 -1.20 -33.27
C ASN E 120 -23.79 -0.92 -32.17
N GLU E 121 -23.36 -0.16 -31.16
CA GLU E 121 -24.13 0.27 -29.98
C GLU E 121 -24.22 -0.83 -28.95
N THR E 122 -23.56 -1.96 -29.17
CA THR E 122 -23.54 -3.04 -28.18
C THR E 122 -22.94 -2.50 -26.88
N LEU E 123 -23.61 -2.77 -25.75
CA LEU E 123 -23.09 -2.32 -24.46
C LEU E 123 -21.86 -3.11 -24.01
N THR E 124 -21.12 -2.53 -23.06
CA THR E 124 -20.03 -3.21 -22.36
C THR E 124 -20.40 -3.45 -20.91
N VAL E 125 -19.85 -4.52 -20.33
CA VAL E 125 -20.17 -4.97 -18.97
C VAL E 125 -18.91 -5.49 -18.30
N MET E 126 -18.94 -5.48 -16.97
CA MET E 126 -17.95 -6.22 -16.20
C MET E 126 -18.29 -7.70 -16.23
N HIS E 127 -17.27 -8.54 -16.38
CA HIS E 127 -17.51 -9.97 -16.28
C HIS E 127 -16.17 -10.66 -16.07
N GLY E 128 -16.18 -11.73 -15.27
CA GLY E 128 -15.01 -12.45 -14.86
C GLY E 128 -14.41 -13.43 -15.85
N ASP E 129 -15.12 -13.80 -16.91
CA ASP E 129 -14.59 -14.83 -17.80
C ASP E 129 -13.49 -14.26 -18.69
N LYS E 130 -12.59 -15.16 -19.11
CA LYS E 130 -11.53 -14.82 -20.05
C LYS E 130 -11.72 -15.66 -21.31
N HIS E 131 -11.74 -14.99 -22.45
CA HIS E 131 -11.93 -15.64 -23.75
C HIS E 131 -11.60 -14.63 -24.85
N LYS E 132 -11.73 -15.07 -26.11
CA LYS E 132 -11.26 -14.25 -27.21
C LYS E 132 -12.16 -13.05 -27.50
N ALA E 133 -13.38 -13.02 -26.97
CA ALA E 133 -14.31 -11.94 -27.26
C ALA E 133 -14.23 -10.80 -26.26
N MET E 134 -13.45 -10.94 -25.19
CA MET E 134 -13.26 -9.86 -24.24
C MET E 134 -11.87 -9.24 -24.35
N GLU E 135 -11.15 -9.54 -25.43
CA GLU E 135 -9.82 -9.01 -25.66
C GLU E 135 -9.88 -7.64 -26.34
N PHE E 136 -9.03 -6.73 -25.87
CA PHE E 136 -8.93 -5.40 -26.42
C PHE E 136 -7.46 -5.07 -26.62
N ILE E 137 -7.18 -4.30 -27.67
CA ILE E 137 -5.85 -3.78 -27.96
C ILE E 137 -5.96 -2.27 -28.06
N PHE E 138 -4.83 -1.60 -27.87
CA PHE E 138 -4.79 -0.15 -27.72
C PHE E 138 -3.93 0.39 -28.85
N VAL E 139 -4.55 1.16 -29.74
CA VAL E 139 -3.96 1.48 -31.03
C VAL E 139 -3.93 2.99 -31.26
N SER E 140 -3.09 3.38 -32.21
CA SER E 140 -2.88 4.78 -32.54
C SER E 140 -4.11 5.36 -33.26
N PRO E 141 -4.50 6.58 -32.92
CA PRO E 141 -5.59 7.24 -33.66
C PRO E 141 -5.31 7.39 -35.14
N LYS E 142 -4.03 7.46 -35.51
CA LYS E 142 -3.63 7.65 -36.93
C LYS E 142 -3.37 6.31 -37.62
N ASP E 143 -3.47 5.20 -36.89
CA ASP E 143 -3.22 3.88 -37.47
C ASP E 143 -3.91 2.86 -36.56
N LYS E 144 -5.10 2.42 -36.96
CA LYS E 144 -5.87 1.50 -36.14
C LYS E 144 -5.23 0.13 -36.01
N ASP E 145 -4.12 -0.12 -36.69
CA ASP E 145 -3.39 -1.37 -36.51
C ASP E 145 -2.08 -1.21 -35.75
N LYS E 146 -1.70 0.01 -35.36
CA LYS E 146 -0.45 0.20 -34.64
C LYS E 146 -0.71 0.32 -33.16
N ARG E 147 -0.20 -0.63 -32.39
CA ARG E 147 -0.36 -0.59 -30.95
C ARG E 147 0.46 0.56 -30.38
N VAL E 148 -0.05 1.21 -29.33
CA VAL E 148 0.70 2.25 -28.66
C VAL E 148 0.75 1.92 -27.18
N LEU E 149 1.80 2.41 -26.52
CA LEU E 149 1.97 2.20 -25.09
C LEU E 149 1.05 3.17 -24.34
N VAL E 150 0.11 2.63 -23.58
CA VAL E 150 -0.90 3.46 -22.86
C VAL E 150 -0.36 3.89 -21.48
N TYR E 151 0.79 3.34 -21.07
CA TYR E 151 1.37 3.71 -19.75
C TYR E 151 2.39 4.84 -19.91
N VAL E 152 2.50 5.39 -21.12
CA VAL E 152 3.44 6.50 -21.41
C VAL E 152 2.67 7.65 -22.08
N MET F 3 13.60 6.00 -16.94
CA MET F 3 13.88 7.03 -15.95
C MET F 3 13.57 6.53 -14.54
N THR F 4 12.61 5.62 -14.44
CA THR F 4 12.29 5.02 -13.15
C THR F 4 13.24 3.86 -12.92
N THR F 5 13.90 3.87 -11.77
CA THR F 5 14.88 2.87 -11.41
C THR F 5 14.22 1.76 -10.61
N PHE F 6 14.57 0.52 -10.93
CA PHE F 6 13.93 -0.63 -10.31
C PHE F 6 14.93 -1.75 -10.14
N LEU F 7 14.55 -2.73 -9.33
CA LEU F 7 15.26 -3.99 -9.19
C LEU F 7 14.51 -5.05 -9.96
N ILE F 8 15.25 -5.95 -10.61
CA ILE F 8 14.64 -7.07 -11.31
C ILE F 8 14.75 -8.26 -10.37
N LYS F 9 13.65 -8.61 -9.72
CA LYS F 9 13.65 -9.62 -8.67
C LYS F 9 13.09 -10.92 -9.25
N HIS F 10 13.87 -11.99 -9.13
CA HIS F 10 13.40 -13.32 -9.48
C HIS F 10 12.33 -13.74 -8.47
N LYS F 11 11.09 -13.90 -8.94
CA LYS F 11 9.95 -14.01 -8.03
C LYS F 11 10.08 -15.22 -7.12
N ALA F 12 10.49 -16.36 -7.66
CA ALA F 12 10.46 -17.59 -6.88
C ALA F 12 11.51 -17.59 -5.78
N SER F 13 12.67 -16.96 -6.00
CA SER F 13 13.75 -17.03 -5.04
C SER F 13 13.97 -15.74 -4.28
N GLY F 14 13.51 -14.61 -4.81
CA GLY F 14 13.83 -13.31 -4.25
C GLY F 14 15.22 -12.80 -4.54
N LYS F 15 16.03 -13.54 -5.29
CA LYS F 15 17.29 -12.99 -5.77
C LYS F 15 17.02 -11.98 -6.88
N PHE F 16 18.08 -11.29 -7.29
CA PHE F 16 17.96 -10.20 -8.24
C PHE F 16 18.95 -10.41 -9.38
N LEU F 17 18.68 -9.72 -10.48
CA LEU F 17 19.59 -9.71 -11.61
C LEU F 17 20.79 -8.82 -11.31
N HIS F 18 21.99 -9.34 -11.55
CA HIS F 18 23.23 -8.60 -11.33
C HIS F 18 24.10 -8.71 -12.56
N PRO F 19 24.96 -7.72 -12.80
CA PRO F 19 26.14 -7.97 -13.65
C PRO F 19 27.11 -8.87 -12.90
N LYS F 20 27.67 -9.85 -13.63
CA LYS F 20 28.67 -10.78 -13.04
C LYS F 20 29.85 -9.95 -12.52
N GLY F 21 30.03 -9.90 -11.20
CA GLY F 21 31.09 -9.12 -10.60
C GLY F 21 30.61 -7.88 -9.86
N GLY F 22 29.40 -7.41 -10.16
CA GLY F 22 28.85 -6.29 -9.41
C GLY F 22 29.49 -4.96 -9.71
N SER F 23 30.14 -4.82 -10.87
CA SER F 23 30.84 -3.59 -11.19
C SER F 23 29.88 -2.51 -11.64
N SER F 24 30.28 -1.25 -11.41
CA SER F 24 29.57 -0.11 -11.96
C SER F 24 29.91 0.14 -13.42
N ASN F 25 30.83 -0.62 -13.98
CA ASN F 25 31.20 -0.55 -15.39
C ASN F 25 31.63 -1.92 -15.88
N PRO F 26 30.76 -2.93 -15.83
CA PRO F 26 31.15 -4.25 -16.35
C PRO F 26 31.51 -4.13 -17.81
N ALA F 27 32.55 -4.87 -18.21
CA ALA F 27 32.95 -4.87 -19.61
C ALA F 27 31.86 -5.48 -20.48
N ASN F 28 31.91 -5.11 -21.77
CA ASN F 28 31.08 -5.73 -22.77
C ASN F 28 31.14 -7.25 -22.69
N ASP F 29 29.97 -7.87 -22.83
CA ASP F 29 29.76 -9.32 -22.85
C ASP F 29 29.89 -9.92 -21.46
N THR F 30 29.86 -9.10 -20.41
CA THR F 30 29.74 -9.62 -19.04
C THR F 30 28.40 -10.32 -18.85
N ASN F 31 28.45 -11.51 -18.27
CA ASN F 31 27.24 -12.28 -18.03
C ASN F 31 26.36 -11.61 -16.99
N LEU F 32 25.05 -11.77 -17.18
CA LEU F 32 24.08 -11.41 -16.17
C LEU F 32 23.79 -12.62 -15.30
N VAL F 33 23.78 -12.42 -13.99
CA VAL F 33 23.61 -13.51 -13.04
C VAL F 33 22.52 -13.14 -12.05
N LEU F 34 22.15 -14.12 -11.24
CA LEU F 34 21.26 -13.89 -10.11
C LEU F 34 22.08 -13.82 -8.83
N HIS F 35 21.71 -12.88 -7.96
CA HIS F 35 22.43 -12.73 -6.71
C HIS F 35 21.49 -12.10 -5.69
N SER F 36 21.66 -12.48 -4.42
CA SER F 36 20.80 -12.00 -3.36
C SER F 36 21.05 -10.55 -2.99
N ASP F 37 22.25 -10.01 -3.28
CA ASP F 37 22.62 -8.71 -2.76
C ASP F 37 21.82 -7.60 -3.42
N ILE F 38 21.72 -6.47 -2.71
CA ILE F 38 21.10 -5.26 -3.24
C ILE F 38 22.13 -4.15 -3.10
N HIS F 39 22.32 -3.38 -4.17
CA HIS F 39 23.21 -2.23 -4.18
C HIS F 39 23.03 -1.50 -5.50
N GLU F 40 23.59 -0.30 -5.57
CA GLU F 40 23.38 0.57 -6.73
C GLU F 40 23.80 -0.09 -8.05
N ARG F 41 24.69 -1.06 -8.00
CA ARG F 41 25.25 -1.68 -9.20
C ARG F 41 24.41 -2.85 -9.71
N MET F 42 23.23 -3.07 -9.13
CA MET F 42 22.23 -3.98 -9.68
C MET F 42 20.91 -3.30 -9.96
N TYR F 43 20.88 -1.96 -9.95
CA TYR F 43 19.69 -1.22 -10.35
C TYR F 43 19.56 -1.25 -11.88
N PHE F 44 18.34 -1.34 -12.36
CA PHE F 44 18.08 -1.30 -13.79
C PHE F 44 17.11 -0.19 -14.12
N GLN F 45 17.11 0.19 -15.40
CA GLN F 45 16.15 1.11 -15.97
C GLN F 45 15.65 0.48 -17.25
N PHE F 46 14.55 1.02 -17.78
CA PHE F 46 13.99 0.52 -19.03
C PHE F 46 13.73 1.69 -19.96
N ASP F 47 14.30 1.62 -21.16
CA ASP F 47 14.20 2.70 -22.15
C ASP F 47 13.29 2.22 -23.26
N VAL F 48 12.08 2.79 -23.33
CA VAL F 48 11.09 2.34 -24.31
C VAL F 48 11.53 2.76 -25.70
N VAL F 49 11.40 1.85 -26.66
CA VAL F 49 11.76 2.11 -28.05
C VAL F 49 10.52 2.11 -28.94
N ASP F 50 9.68 1.09 -28.80
CA ASP F 50 8.54 0.93 -29.71
C ASP F 50 7.48 0.15 -28.92
N GLU F 51 6.49 0.88 -28.39
CA GLU F 51 5.41 0.32 -27.59
C GLU F 51 5.96 -0.51 -26.42
N ARG F 52 5.76 -1.83 -26.44
CA ARG F 52 6.24 -2.65 -25.33
C ARG F 52 7.73 -2.92 -25.39
N TRP F 53 8.38 -2.68 -26.53
CA TRP F 53 9.74 -3.13 -26.71
C TRP F 53 10.70 -2.02 -26.29
N GLY F 54 11.77 -2.41 -25.62
CA GLY F 54 12.78 -1.44 -25.28
C GLY F 54 14.05 -2.10 -24.82
N TYR F 55 14.95 -1.28 -24.26
CA TYR F 55 16.24 -1.74 -23.78
C TYR F 55 16.21 -1.84 -22.26
N ILE F 56 16.70 -2.95 -21.74
CA ILE F 56 16.87 -3.12 -20.30
C ILE F 56 18.27 -2.62 -19.99
N LYS F 57 18.37 -1.57 -19.18
CA LYS F 57 19.61 -0.82 -19.08
C LYS F 57 20.14 -0.93 -17.68
N HIS F 58 21.41 -1.31 -17.56
CA HIS F 58 22.11 -1.29 -16.30
C HIS F 58 22.38 0.16 -15.89
N ALA F 59 21.82 0.58 -14.76
CA ALA F 59 21.80 2.00 -14.43
C ALA F 59 23.20 2.55 -14.25
N ALA F 60 24.08 1.78 -13.59
CA ALA F 60 25.39 2.30 -13.23
C ALA F 60 26.31 2.45 -14.43
N SER F 61 26.15 1.62 -15.47
CA SER F 61 27.07 1.63 -16.59
C SER F 61 26.45 2.11 -17.90
N GLY F 62 25.12 2.13 -18.01
CA GLY F 62 24.46 2.43 -19.26
C GLY F 62 24.46 1.29 -20.26
N LYS F 63 25.08 0.17 -19.94
CA LYS F 63 25.06 -1.00 -20.81
C LYS F 63 23.69 -1.65 -20.76
N ILE F 64 23.29 -2.27 -21.86
CA ILE F 64 21.98 -2.88 -21.94
C ILE F 64 22.13 -4.39 -22.10
N VAL F 65 21.03 -5.09 -21.86
CA VAL F 65 20.99 -6.55 -21.91
C VAL F 65 20.95 -7.03 -23.36
N HIS F 66 21.84 -7.98 -23.68
CA HIS F 66 21.88 -8.61 -24.99
C HIS F 66 21.94 -10.12 -24.81
N PRO F 67 21.37 -10.88 -25.74
CA PRO F 67 21.77 -12.28 -25.89
C PRO F 67 23.20 -12.30 -26.40
N LEU F 68 24.05 -13.14 -25.80
CA LEU F 68 25.44 -13.18 -26.23
C LEU F 68 25.52 -13.51 -27.72
N GLY F 69 26.22 -12.67 -28.46
CA GLY F 69 26.32 -12.76 -29.89
C GLY F 69 25.36 -11.87 -30.64
N GLY F 70 24.32 -11.37 -29.99
CA GLY F 70 23.46 -10.38 -30.59
C GLY F 70 22.65 -10.85 -31.78
N LYS F 71 22.30 -12.14 -31.83
CA LYS F 71 21.51 -12.62 -32.95
C LYS F 71 20.04 -12.28 -32.75
N ALA F 72 19.33 -12.14 -33.87
CA ALA F 72 17.93 -11.74 -33.83
C ALA F 72 17.03 -12.79 -33.21
N ASP F 73 17.35 -14.07 -33.41
CA ASP F 73 16.49 -15.18 -32.99
C ASP F 73 17.35 -16.20 -32.25
N PRO F 74 17.82 -15.84 -31.05
CA PRO F 74 18.78 -16.70 -30.32
C PRO F 74 18.17 -18.01 -29.85
N PRO F 75 18.94 -19.10 -29.90
CA PRO F 75 18.44 -20.40 -29.44
C PRO F 75 18.38 -20.49 -27.92
N ASN F 76 17.67 -21.51 -27.44
CA ASN F 76 17.61 -21.81 -26.01
C ASN F 76 19.01 -21.95 -25.42
N GLU F 77 19.19 -21.47 -24.19
CA GLU F 77 20.43 -21.50 -23.42
C GLU F 77 21.42 -20.43 -23.85
N THR F 78 21.04 -19.53 -24.76
CA THR F 78 21.90 -18.41 -25.09
C THR F 78 22.07 -17.54 -23.85
N LYS F 79 23.33 -17.27 -23.53
CA LYS F 79 23.63 -16.50 -22.33
C LYS F 79 23.20 -15.05 -22.54
N LEU F 80 22.75 -14.42 -21.47
CA LEU F 80 22.46 -13.00 -21.48
C LEU F 80 23.63 -12.22 -20.92
N VAL F 81 24.00 -11.14 -21.60
CA VAL F 81 25.17 -10.34 -21.26
C VAL F 81 24.80 -8.87 -21.32
N LEU F 82 25.70 -8.05 -20.81
CA LEU F 82 25.62 -6.60 -20.95
C LEU F 82 26.55 -6.16 -22.08
N HIS F 83 26.07 -5.24 -22.90
CA HIS F 83 26.86 -4.70 -24.00
C HIS F 83 26.38 -3.28 -24.24
N GLN F 84 27.30 -2.40 -24.62
CA GLN F 84 26.94 -1.00 -24.81
C GLN F 84 26.12 -0.75 -26.07
N ASP F 85 26.20 -1.64 -27.06
CA ASP F 85 25.54 -1.39 -28.33
C ASP F 85 24.03 -1.32 -28.17
N ARG F 86 23.40 -0.47 -28.97
CA ARG F 86 21.95 -0.45 -29.09
C ARG F 86 21.58 -0.92 -30.48
N HIS F 87 20.73 -1.94 -30.55
CA HIS F 87 20.19 -2.42 -31.82
C HIS F 87 18.99 -3.29 -31.52
N ASP F 88 18.28 -3.68 -32.59
CA ASP F 88 16.99 -4.32 -32.43
C ASP F 88 17.07 -5.74 -31.85
N ARG F 89 18.23 -6.38 -31.91
CA ARG F 89 18.35 -7.69 -31.29
C ARG F 89 18.47 -7.62 -29.78
N ALA F 90 18.55 -6.41 -29.22
CA ALA F 90 18.57 -6.19 -27.78
C ALA F 90 17.24 -5.63 -27.28
N LEU F 91 16.16 -5.85 -28.02
CA LEU F 91 14.84 -5.37 -27.61
C LEU F 91 14.14 -6.41 -26.74
N PHE F 92 13.61 -5.96 -25.61
CA PHE F 92 12.87 -6.79 -24.68
C PHE F 92 11.58 -6.07 -24.32
N ALA F 93 10.61 -6.84 -23.82
CA ALA F 93 9.43 -6.29 -23.17
C ALA F 93 9.38 -6.73 -21.72
N MET F 94 8.94 -5.84 -20.85
CA MET F 94 8.80 -6.13 -19.42
C MET F 94 7.31 -6.40 -19.17
N ASP F 95 6.95 -7.68 -19.18
CA ASP F 95 5.55 -8.10 -19.04
C ASP F 95 5.25 -8.15 -17.56
N PHE F 96 4.73 -7.04 -17.02
CA PHE F 96 4.45 -6.96 -15.59
C PHE F 96 3.07 -7.51 -15.22
N PHE F 97 2.33 -8.08 -16.17
CA PHE F 97 1.08 -8.77 -15.89
C PHE F 97 1.25 -10.28 -15.74
N ASN F 98 2.04 -10.90 -16.62
CA ASN F 98 2.39 -12.30 -16.46
C ASN F 98 3.70 -12.49 -15.72
N ASP F 99 4.39 -11.39 -15.41
CA ASP F 99 5.61 -11.39 -14.61
C ASP F 99 6.74 -12.11 -15.30
N ASN F 100 7.10 -11.69 -16.51
CA ASN F 100 8.26 -12.28 -17.17
C ASN F 100 8.89 -11.23 -18.08
N ILE F 101 10.05 -11.58 -18.62
CA ILE F 101 10.79 -10.71 -19.53
C ILE F 101 10.98 -11.46 -20.83
N ILE F 102 10.41 -10.91 -21.92
CA ILE F 102 10.36 -11.58 -23.20
C ILE F 102 11.23 -10.82 -24.20
N HIS F 103 12.01 -11.58 -24.96
CA HIS F 103 12.84 -11.02 -26.02
C HIS F 103 12.01 -10.83 -27.27
N LYS F 104 12.47 -9.93 -28.14
CA LYS F 104 11.75 -9.63 -29.38
C LYS F 104 11.44 -10.89 -30.19
N ALA F 105 12.28 -11.91 -30.13
CA ALA F 105 12.06 -13.13 -30.89
C ALA F 105 11.23 -14.16 -30.15
N GLY F 106 10.74 -13.85 -28.95
CA GLY F 106 9.71 -14.64 -28.30
C GLY F 106 10.15 -15.52 -27.15
N LYS F 107 11.44 -15.67 -26.91
CA LYS F 107 11.91 -16.41 -25.75
C LYS F 107 12.04 -15.50 -24.54
N TYR F 108 12.20 -16.12 -23.36
CA TYR F 108 12.18 -15.41 -22.09
C TYR F 108 13.53 -15.53 -21.39
N ILE F 109 13.75 -14.63 -20.45
CA ILE F 109 14.91 -14.71 -19.58
C ILE F 109 14.64 -15.75 -18.50
N HIS F 110 15.57 -16.70 -18.34
CA HIS F 110 15.48 -17.74 -17.33
C HIS F 110 16.76 -17.75 -16.51
N PRO F 111 16.70 -18.22 -15.27
CA PRO F 111 17.91 -18.73 -14.64
C PRO F 111 18.32 -20.00 -15.36
N LYS F 112 19.61 -20.15 -15.62
CA LYS F 112 20.08 -21.37 -16.26
C LYS F 112 19.78 -22.56 -15.36
N GLY F 113 19.04 -23.53 -15.89
CA GLY F 113 18.63 -24.70 -15.12
C GLY F 113 17.22 -24.65 -14.56
N GLY F 114 16.58 -23.48 -14.54
CA GLY F 114 15.16 -23.45 -14.23
C GLY F 114 14.80 -23.69 -12.78
N SER F 115 15.72 -23.43 -11.84
CA SER F 115 15.45 -23.70 -10.44
C SER F 115 14.63 -22.57 -9.83
N THR F 116 13.69 -22.93 -8.95
CA THR F 116 13.01 -21.90 -8.16
C THR F 116 13.93 -21.26 -7.13
N ASN F 117 15.07 -21.87 -6.84
CA ASN F 117 16.04 -21.33 -5.88
C ASN F 117 17.44 -21.40 -6.48
N PRO F 118 17.71 -20.65 -7.53
CA PRO F 118 19.05 -20.71 -8.13
C PRO F 118 20.04 -20.07 -7.18
N PRO F 119 21.23 -20.65 -7.03
CA PRO F 119 22.25 -20.03 -6.18
C PRO F 119 22.83 -18.76 -6.79
N ASN F 120 23.44 -17.97 -5.91
CA ASN F 120 24.18 -16.79 -6.32
C ASN F 120 25.17 -17.16 -7.41
N GLU F 121 25.30 -16.28 -8.41
CA GLU F 121 26.24 -16.48 -9.55
C GLU F 121 25.57 -17.27 -10.68
N THR F 122 24.34 -17.76 -10.49
CA THR F 122 23.68 -18.52 -11.55
C THR F 122 23.54 -17.65 -12.80
N LEU F 123 23.92 -18.20 -13.95
CA LEU F 123 23.78 -17.43 -15.18
C LEU F 123 22.30 -17.32 -15.55
N THR F 124 22.02 -16.35 -16.41
CA THR F 124 20.72 -16.26 -17.03
C THR F 124 20.87 -16.58 -18.51
N VAL F 125 19.81 -17.16 -19.07
CA VAL F 125 19.83 -17.60 -20.45
C VAL F 125 18.46 -17.36 -21.06
N MET F 126 18.43 -17.20 -22.39
CA MET F 126 17.16 -17.25 -23.10
C MET F 126 16.62 -18.67 -23.07
N HIS F 127 15.32 -18.78 -22.84
CA HIS F 127 14.70 -20.09 -22.96
C HIS F 127 13.22 -19.90 -23.26
N GLY F 128 12.68 -20.79 -24.10
CA GLY F 128 11.31 -20.65 -24.56
C GLY F 128 10.24 -21.07 -23.59
N ASP F 129 10.59 -21.82 -22.54
CA ASP F 129 9.53 -22.31 -21.67
C ASP F 129 8.98 -21.19 -20.79
N LYS F 130 7.72 -21.35 -20.39
CA LYS F 130 7.08 -20.44 -19.47
C LYS F 130 6.67 -21.25 -18.25
N HIS F 131 7.07 -20.78 -17.07
CA HIS F 131 6.79 -21.47 -15.81
C HIS F 131 7.13 -20.54 -14.64
N LYS F 132 6.93 -21.05 -13.42
CA LYS F 132 7.07 -20.20 -12.24
C LYS F 132 8.51 -19.75 -12.01
N ALA F 133 9.49 -20.56 -12.43
CA ALA F 133 10.88 -20.24 -12.15
C ALA F 133 11.48 -19.23 -13.12
N MET F 134 10.76 -18.83 -14.17
CA MET F 134 11.25 -17.79 -15.08
C MET F 134 10.51 -16.48 -14.89
N GLU F 135 9.75 -16.35 -13.81
CA GLU F 135 9.01 -15.14 -13.51
C GLU F 135 9.86 -14.11 -12.78
N PHE F 136 9.73 -12.86 -13.19
CA PHE F 136 10.44 -11.75 -12.59
C PHE F 136 9.45 -10.63 -12.34
N ILE F 137 9.68 -9.90 -11.25
CA ILE F 137 8.89 -8.72 -10.93
C ILE F 137 9.85 -7.56 -10.77
N PHE F 138 9.32 -6.36 -10.91
CA PHE F 138 10.12 -5.14 -11.02
C PHE F 138 9.72 -4.26 -9.85
N VAL F 139 10.67 -4.03 -8.94
CA VAL F 139 10.39 -3.48 -7.62
C VAL F 139 11.25 -2.26 -7.33
N SER F 140 10.82 -1.49 -6.35
CA SER F 140 11.50 -0.26 -5.98
C SER F 140 12.84 -0.59 -5.32
N PRO F 141 13.90 0.16 -5.66
CA PRO F 141 15.19 -0.06 -4.98
C PRO F 141 15.13 0.13 -3.47
N LYS F 142 14.25 0.98 -2.96
CA LYS F 142 14.16 1.20 -1.53
C LYS F 142 13.11 0.33 -0.84
N ASP F 143 12.43 -0.55 -1.59
CA ASP F 143 11.46 -1.48 -1.00
C ASP F 143 11.31 -2.64 -1.98
N LYS F 144 11.98 -3.75 -1.68
CA LYS F 144 12.04 -4.90 -2.58
C LYS F 144 10.71 -5.64 -2.71
N ASP F 145 9.67 -5.25 -1.99
CA ASP F 145 8.34 -5.83 -2.17
C ASP F 145 7.34 -4.90 -2.84
N LYS F 146 7.74 -3.68 -3.18
CA LYS F 146 6.83 -2.71 -3.81
C LYS F 146 7.09 -2.72 -5.31
N ARG F 147 6.08 -3.14 -6.08
CA ARG F 147 6.22 -3.12 -7.54
C ARG F 147 6.21 -1.68 -8.04
N VAL F 148 7.00 -1.41 -9.08
CA VAL F 148 6.99 -0.09 -9.70
C VAL F 148 6.76 -0.22 -11.20
N LEU F 149 6.18 0.81 -11.79
CA LEU F 149 5.92 0.83 -13.23
C LEU F 149 7.20 1.15 -13.98
N VAL F 150 7.65 0.23 -14.83
CA VAL F 150 8.90 0.41 -15.57
C VAL F 150 8.75 1.13 -16.90
N TYR F 151 7.51 1.29 -17.36
CA TYR F 151 7.25 1.96 -18.67
C TYR F 151 7.06 3.47 -18.44
N VAL F 152 7.56 3.99 -17.32
CA VAL F 152 7.45 5.44 -17.00
C VAL F 152 8.72 5.89 -16.28
N MET G 3 -24.02 23.59 -29.67
CA MET G 3 -23.36 24.83 -30.06
C MET G 3 -23.88 26.02 -29.27
N THR G 4 -22.99 26.72 -28.59
CA THR G 4 -23.35 27.94 -27.87
C THR G 4 -22.07 28.78 -27.72
N THR G 5 -21.84 29.64 -28.70
CA THR G 5 -20.58 30.36 -28.85
C THR G 5 -20.68 31.76 -28.24
N PHE G 6 -19.55 32.27 -27.76
CA PHE G 6 -19.51 33.61 -27.19
C PHE G 6 -18.12 34.20 -27.37
N LEU G 7 -18.03 35.51 -27.15
CA LEU G 7 -16.78 36.23 -27.09
C LEU G 7 -16.46 36.55 -25.64
N ILE G 8 -15.18 36.45 -25.27
CA ILE G 8 -14.73 36.82 -23.93
C ILE G 8 -14.19 38.23 -24.02
N LYS G 9 -14.97 39.18 -23.52
CA LYS G 9 -14.70 40.60 -23.66
C LYS G 9 -14.12 41.15 -22.37
N HIS G 10 -12.94 41.77 -22.45
CA HIS G 10 -12.38 42.48 -21.31
C HIS G 10 -13.24 43.70 -21.05
N LYS G 11 -13.92 43.73 -19.90
CA LYS G 11 -15.00 44.70 -19.70
C LYS G 11 -14.47 46.13 -19.77
N ALA G 12 -13.32 46.40 -19.14
CA ALA G 12 -12.85 47.78 -19.02
C ALA G 12 -12.38 48.34 -20.36
N SER G 13 -11.81 47.50 -21.23
CA SER G 13 -11.22 47.99 -22.46
C SER G 13 -12.04 47.66 -23.70
N GLY G 14 -12.89 46.65 -23.64
CA GLY G 14 -13.56 46.15 -24.82
C GLY G 14 -12.73 45.30 -25.74
N LYS G 15 -11.47 45.03 -25.41
CA LYS G 15 -10.72 44.04 -26.17
C LYS G 15 -11.22 42.64 -25.83
N PHE G 16 -10.74 41.66 -26.57
CA PHE G 16 -11.22 40.30 -26.46
C PHE G 16 -10.08 39.33 -26.25
N LEU G 17 -10.41 38.18 -25.66
CA LEU G 17 -9.44 37.10 -25.50
C LEU G 17 -9.19 36.45 -26.85
N HIS G 18 -7.91 36.40 -27.25
CA HIS G 18 -7.53 35.75 -28.49
C HIS G 18 -6.46 34.71 -28.19
N PRO G 19 -6.37 33.67 -29.02
CA PRO G 19 -5.12 32.92 -29.10
C PRO G 19 -4.07 33.78 -29.79
N LYS G 20 -2.85 33.77 -29.27
CA LYS G 20 -1.81 34.57 -29.90
C LYS G 20 -1.56 34.08 -31.31
N GLY G 21 -1.72 34.98 -32.28
CA GLY G 21 -1.59 34.65 -33.68
C GLY G 21 -2.89 34.50 -34.42
N GLY G 22 -4.01 34.30 -33.71
CA GLY G 22 -5.28 34.27 -34.40
C GLY G 22 -5.52 33.02 -35.20
N SER G 23 -4.81 31.93 -34.89
CA SER G 23 -4.91 30.70 -35.66
C SER G 23 -6.18 29.92 -35.33
N SER G 24 -6.77 29.33 -36.36
CA SER G 24 -7.86 28.37 -36.18
C SER G 24 -7.39 27.08 -35.52
N ASN G 25 -6.08 26.85 -35.48
CA ASN G 25 -5.48 25.64 -34.92
C ASN G 25 -4.25 26.01 -34.10
N PRO G 26 -4.42 26.83 -33.06
CA PRO G 26 -3.26 27.19 -32.23
C PRO G 26 -2.65 25.94 -31.60
N ALA G 27 -1.32 25.93 -31.57
CA ALA G 27 -0.59 24.84 -30.95
C ALA G 27 -0.81 24.79 -29.45
N ASN G 28 -0.59 23.60 -28.90
CA ASN G 28 -0.54 23.46 -27.45
C ASN G 28 0.40 24.51 -26.87
N ASP G 29 0.00 25.12 -25.77
CA ASP G 29 0.77 26.11 -25.03
C ASP G 29 0.82 27.46 -25.74
N THR G 30 -0.05 27.68 -26.73
CA THR G 30 -0.22 29.01 -27.31
C THR G 30 -0.79 29.98 -26.28
N ASN G 31 -0.16 31.16 -26.18
CA ASN G 31 -0.62 32.16 -25.23
C ASN G 31 -1.99 32.71 -25.60
N LEU G 32 -2.79 32.99 -24.57
CA LEU G 32 -4.03 33.73 -24.73
C LEU G 32 -3.75 35.20 -24.48
N VAL G 33 -4.08 36.03 -25.46
CA VAL G 33 -3.78 37.46 -25.41
C VAL G 33 -5.09 38.23 -25.55
N LEU G 34 -5.01 39.53 -25.30
CA LEU G 34 -6.11 40.43 -25.54
C LEU G 34 -5.89 41.14 -26.88
N HIS G 35 -6.98 41.32 -27.62
CA HIS G 35 -6.89 41.96 -28.93
C HIS G 35 -8.24 42.56 -29.27
N SER G 36 -8.20 43.68 -29.99
CA SER G 36 -9.43 44.38 -30.35
C SER G 36 -10.24 43.66 -31.42
N ASP G 37 -9.60 42.82 -32.23
CA ASP G 37 -10.27 42.26 -33.40
C ASP G 37 -11.35 41.26 -32.98
N ILE G 38 -12.33 41.08 -33.85
CA ILE G 38 -13.37 40.07 -33.68
C ILE G 38 -13.36 39.21 -34.93
N HIS G 39 -13.37 37.89 -34.75
CA HIS G 39 -13.44 36.98 -35.87
C HIS G 39 -13.64 35.56 -35.34
N GLU G 40 -13.89 34.63 -36.26
CA GLU G 40 -14.26 33.26 -35.87
C GLU G 40 -13.20 32.59 -35.00
N ARG G 41 -11.94 32.97 -35.17
CA ARG G 41 -10.85 32.30 -34.50
C ARG G 41 -10.61 32.81 -33.09
N MET G 42 -11.47 33.71 -32.59
CA MET G 42 -11.46 34.10 -31.18
C MET G 42 -12.79 33.79 -30.52
N TYR G 43 -13.64 32.98 -31.15
CA TYR G 43 -14.87 32.52 -30.53
C TYR G 43 -14.58 31.44 -29.50
N PHE G 44 -15.31 31.45 -28.40
CA PHE G 44 -15.18 30.44 -27.36
C PHE G 44 -16.51 29.73 -27.08
N GLN G 45 -16.38 28.56 -26.47
CA GLN G 45 -17.52 27.82 -25.94
C GLN G 45 -17.17 27.39 -24.51
N PHE G 46 -18.18 26.96 -23.76
CA PHE G 46 -17.94 26.49 -22.40
C PHE G 46 -18.65 25.16 -22.19
N ASP G 47 -17.90 24.15 -21.75
CA ASP G 47 -18.40 22.79 -21.56
C ASP G 47 -18.49 22.53 -20.07
N VAL G 48 -19.72 22.46 -19.56
CA VAL G 48 -19.91 22.32 -18.13
C VAL G 48 -19.45 20.93 -17.71
N VAL G 49 -18.71 20.87 -16.61
CA VAL G 49 -18.20 19.62 -16.06
C VAL G 49 -18.85 19.28 -14.74
N ASP G 50 -18.93 20.24 -13.83
CA ASP G 50 -19.40 19.98 -12.47
C ASP G 50 -20.01 21.28 -11.95
N GLU G 51 -21.33 21.39 -12.04
CA GLU G 51 -22.06 22.57 -11.60
C GLU G 51 -21.46 23.80 -12.28
N ARG G 52 -20.80 24.68 -11.52
CA ARG G 52 -20.22 25.88 -12.10
C ARG G 52 -18.92 25.64 -12.86
N TRP G 53 -18.27 24.49 -12.65
CA TRP G 53 -16.92 24.30 -13.16
C TRP G 53 -16.97 23.66 -14.54
N GLY G 54 -16.10 24.13 -15.44
CA GLY G 54 -16.00 23.51 -16.73
C GLY G 54 -14.76 23.94 -17.48
N TYR G 55 -14.73 23.59 -18.77
CA TYR G 55 -13.61 23.89 -19.65
C TYR G 55 -13.97 25.05 -20.57
N ILE G 56 -13.07 26.02 -20.68
CA ILE G 56 -13.23 27.12 -21.62
C ILE G 56 -12.57 26.69 -22.92
N LYS G 57 -13.35 26.60 -23.99
CA LYS G 57 -12.89 25.90 -25.18
C LYS G 57 -12.84 26.87 -26.35
N HIS G 58 -11.70 26.90 -27.02
CA HIS G 58 -11.55 27.63 -28.27
C HIS G 58 -12.33 26.92 -29.37
N ALA G 59 -13.33 27.63 -29.93
CA ALA G 59 -14.31 26.98 -30.78
C ALA G 59 -13.67 26.38 -32.03
N ALA G 60 -12.73 27.10 -32.65
CA ALA G 60 -12.20 26.66 -33.93
C ALA G 60 -11.31 25.43 -33.83
N SER G 61 -10.64 25.24 -32.69
CA SER G 61 -9.68 24.14 -32.56
C SER G 61 -10.08 23.06 -31.59
N GLY G 62 -11.03 23.32 -30.69
CA GLY G 62 -11.34 22.40 -29.63
C GLY G 62 -10.37 22.38 -28.47
N LYS G 63 -9.29 23.16 -28.54
CA LYS G 63 -8.34 23.25 -27.45
C LYS G 63 -8.94 24.07 -26.31
N ILE G 64 -8.54 23.76 -25.07
CA ILE G 64 -9.12 24.44 -23.92
C ILE G 64 -8.05 25.25 -23.21
N VAL G 65 -8.52 26.18 -22.37
CA VAL G 65 -7.66 27.12 -21.61
C VAL G 65 -7.06 26.42 -20.39
N HIS G 66 -5.73 26.49 -20.27
CA HIS G 66 -4.98 25.93 -19.16
C HIS G 66 -4.09 26.99 -18.53
N PRO G 67 -3.84 26.91 -17.23
CA PRO G 67 -2.67 27.59 -16.68
C PRO G 67 -1.42 26.90 -17.23
N LEU G 68 -0.46 27.69 -17.70
CA LEU G 68 0.74 27.11 -18.27
C LEU G 68 1.43 26.21 -17.26
N GLY G 69 1.68 24.96 -17.64
CA GLY G 69 2.24 23.97 -16.76
C GLY G 69 1.21 23.05 -16.12
N GLY G 70 -0.05 23.44 -16.12
CA GLY G 70 -1.11 22.56 -15.67
C GLY G 70 -1.09 22.23 -14.18
N LYS G 71 -0.58 23.13 -13.36
CA LYS G 71 -0.55 22.87 -11.92
C LYS G 71 -1.91 23.17 -11.29
N ALA G 72 -2.19 22.48 -10.19
CA ALA G 72 -3.49 22.61 -9.53
C ALA G 72 -3.65 23.99 -8.91
N ASP G 73 -2.57 24.58 -8.41
CA ASP G 73 -2.59 25.84 -7.67
C ASP G 73 -1.53 26.78 -8.25
N PRO G 74 -1.73 27.26 -9.46
CA PRO G 74 -0.70 28.06 -10.14
C PRO G 74 -0.47 29.38 -9.43
N PRO G 75 0.78 29.84 -9.37
CA PRO G 75 1.06 31.13 -8.71
C PRO G 75 0.63 32.31 -9.58
N ASN G 76 0.56 33.47 -8.94
CA ASN G 76 0.29 34.71 -9.66
C ASN G 76 1.27 34.87 -10.83
N GLU G 77 0.76 35.40 -11.95
CA GLU G 77 1.52 35.65 -13.19
C GLU G 77 1.72 34.39 -14.01
N THR G 78 1.11 33.26 -13.62
CA THR G 78 1.14 32.07 -14.45
C THR G 78 0.43 32.35 -15.76
N LYS G 79 1.11 32.06 -16.87
CA LYS G 79 0.55 32.35 -18.18
C LYS G 79 -0.62 31.43 -18.44
N LEU G 80 -1.62 31.96 -19.16
CA LEU G 80 -2.74 31.14 -19.63
C LEU G 80 -2.50 30.75 -21.08
N VAL G 81 -2.73 29.47 -21.38
CA VAL G 81 -2.45 28.92 -22.70
C VAL G 81 -3.62 28.05 -23.14
N LEU G 82 -3.60 27.68 -24.41
CA LEU G 82 -4.52 26.67 -24.93
C LEU G 82 -3.80 25.32 -24.98
N HIS G 83 -4.55 24.26 -24.73
CA HIS G 83 -3.97 22.93 -24.70
C HIS G 83 -5.09 21.91 -24.90
N GLN G 84 -4.77 20.80 -25.58
CA GLN G 84 -5.80 19.81 -25.86
C GLN G 84 -6.20 18.97 -24.66
N ASP G 85 -5.36 18.83 -23.65
CA ASP G 85 -5.68 17.93 -22.54
C ASP G 85 -6.92 18.41 -21.78
N ARG G 86 -7.71 17.45 -21.30
CA ARG G 86 -8.80 17.73 -20.38
C ARG G 86 -8.44 17.13 -19.02
N HIS G 87 -8.45 17.94 -17.98
CA HIS G 87 -8.26 17.46 -16.61
C HIS G 87 -8.70 18.55 -15.64
N ASP G 88 -8.66 18.23 -14.35
CA ASP G 88 -9.24 19.10 -13.33
C ASP G 88 -8.45 20.38 -13.13
N ARG G 89 -7.19 20.44 -13.55
CA ARG G 89 -6.45 21.69 -13.38
C ARG G 89 -6.78 22.72 -14.46
N ALA G 90 -7.60 22.35 -15.46
CA ALA G 90 -8.07 23.28 -16.48
C ALA G 90 -9.53 23.66 -16.26
N LEU G 91 -10.01 23.52 -15.03
CA LEU G 91 -11.39 23.86 -14.70
C LEU G 91 -11.51 25.32 -14.31
N PHE G 92 -12.49 26.00 -14.91
CA PHE G 92 -12.81 27.39 -14.62
C PHE G 92 -14.31 27.51 -14.41
N ALA G 93 -14.71 28.61 -13.76
CA ALA G 93 -16.10 29.02 -13.71
C ALA G 93 -16.25 30.38 -14.36
N MET G 94 -17.32 30.55 -15.11
CA MET G 94 -17.63 31.81 -15.78
C MET G 94 -18.63 32.58 -14.92
N ASP G 95 -18.11 33.46 -14.07
CA ASP G 95 -18.94 34.19 -13.12
C ASP G 95 -19.52 35.41 -13.85
N PHE G 96 -20.71 35.25 -14.40
CA PHE G 96 -21.35 36.32 -15.16
C PHE G 96 -22.14 37.28 -14.27
N PHE G 97 -22.10 37.09 -12.96
CA PHE G 97 -22.68 38.03 -12.01
C PHE G 97 -21.67 39.01 -11.45
N ASN G 98 -20.48 38.55 -11.09
CA ASN G 98 -19.41 39.45 -10.70
C ASN G 98 -18.52 39.81 -11.89
N ASP G 99 -18.76 39.18 -13.04
CA ASP G 99 -18.07 39.47 -14.29
C ASP G 99 -16.59 39.15 -14.22
N ASN G 100 -16.25 37.90 -13.91
CA ASN G 100 -14.86 37.49 -13.93
C ASN G 100 -14.78 36.00 -14.27
N ILE G 101 -13.56 35.54 -14.49
CA ILE G 101 -13.28 34.14 -14.81
C ILE G 101 -12.36 33.62 -13.72
N ILE G 102 -12.84 32.64 -12.97
CA ILE G 102 -12.16 32.13 -11.78
C ILE G 102 -11.71 30.70 -12.03
N HIS G 103 -10.46 30.42 -11.65
CA HIS G 103 -9.91 29.07 -11.74
C HIS G 103 -10.34 28.25 -10.53
N LYS G 104 -10.32 26.92 -10.69
CA LYS G 104 -10.73 26.03 -9.62
C LYS G 104 -10.00 26.30 -8.32
N ALA G 105 -8.74 26.75 -8.39
CA ALA G 105 -7.95 27.03 -7.20
C ALA G 105 -8.11 28.44 -6.65
N GLY G 106 -8.99 29.26 -7.25
CA GLY G 106 -9.42 30.50 -6.63
C GLY G 106 -8.83 31.77 -7.20
N LYS G 107 -7.85 31.68 -8.09
CA LYS G 107 -7.33 32.87 -8.75
C LYS G 107 -8.12 33.17 -10.01
N TYR G 108 -7.92 34.38 -10.54
CA TYR G 108 -8.70 34.88 -11.65
C TYR G 108 -7.81 35.11 -12.85
N ILE G 109 -8.43 35.17 -14.03
CA ILE G 109 -7.73 35.57 -15.24
C ILE G 109 -7.59 37.09 -15.26
N HIS G 110 -6.37 37.57 -15.48
CA HIS G 110 -6.08 38.99 -15.56
C HIS G 110 -5.35 39.27 -16.86
N PRO G 111 -5.45 40.49 -17.38
CA PRO G 111 -4.42 40.97 -18.31
C PRO G 111 -3.12 41.14 -17.55
N LYS G 112 -2.02 40.71 -18.17
CA LYS G 112 -0.73 40.89 -17.52
C LYS G 112 -0.46 42.38 -17.34
N GLY G 113 -0.24 42.80 -16.09
CA GLY G 113 -0.03 44.18 -15.76
C GLY G 113 -1.25 44.90 -15.22
N GLY G 114 -2.45 44.35 -15.39
CA GLY G 114 -3.60 44.91 -14.69
C GLY G 114 -4.12 46.22 -15.23
N SER G 115 -3.88 46.53 -16.51
CA SER G 115 -4.31 47.82 -17.05
C SER G 115 -5.78 47.74 -17.42
N THR G 116 -6.51 48.84 -17.17
CA THR G 116 -7.85 48.92 -17.72
C THR G 116 -7.89 49.08 -19.23
N ASN G 117 -6.78 49.45 -19.86
CA ASN G 117 -6.72 49.60 -21.32
C ASN G 117 -5.45 48.93 -21.81
N PRO G 118 -5.35 47.60 -21.70
CA PRO G 118 -4.13 46.91 -22.14
C PRO G 118 -4.03 46.99 -23.65
N PRO G 119 -2.83 47.21 -24.19
CA PRO G 119 -2.68 47.21 -25.64
C PRO G 119 -2.83 45.82 -26.24
N ASN G 120 -3.11 45.82 -27.54
CA ASN G 120 -3.15 44.59 -28.31
C ASN G 120 -1.90 43.76 -28.07
N GLU G 121 -2.10 42.44 -27.99
CA GLU G 121 -1.14 41.37 -27.78
C GLU G 121 -0.74 41.20 -26.32
N THR G 122 -1.34 41.96 -25.39
CA THR G 122 -1.07 41.72 -23.97
C THR G 122 -1.45 40.31 -23.56
N LEU G 123 -0.56 39.60 -22.90
CA LEU G 123 -0.89 38.26 -22.41
C LEU G 123 -1.84 38.36 -21.22
N THR G 124 -2.49 37.23 -20.95
CA THR G 124 -3.28 37.05 -19.75
C THR G 124 -2.60 36.07 -18.82
N VAL G 125 -2.82 36.26 -17.52
CA VAL G 125 -2.17 35.49 -16.48
C VAL G 125 -3.17 35.24 -15.35
N MET G 126 -2.85 34.25 -14.53
CA MET G 126 -3.58 34.03 -13.29
C MET G 126 -3.14 35.05 -12.25
N HIS G 127 -4.09 35.58 -11.49
CA HIS G 127 -3.73 36.47 -10.39
C HIS G 127 -4.88 36.49 -9.39
N GLY G 128 -4.54 36.56 -8.10
CA GLY G 128 -5.51 36.46 -7.02
C GLY G 128 -6.30 37.73 -6.75
N ASP G 129 -5.86 38.86 -7.27
CA ASP G 129 -6.50 40.13 -6.94
C ASP G 129 -7.85 40.28 -7.65
N LYS G 130 -8.74 41.06 -7.03
CA LYS G 130 -10.02 41.40 -7.62
C LYS G 130 -10.09 42.91 -7.78
N HIS G 131 -10.40 43.37 -8.99
CA HIS G 131 -10.48 44.79 -9.27
C HIS G 131 -11.11 44.98 -10.64
N LYS G 132 -11.25 46.24 -11.05
CA LYS G 132 -12.00 46.55 -12.26
C LYS G 132 -11.34 46.00 -13.52
N ALA G 133 -10.01 45.85 -13.51
CA ALA G 133 -9.29 45.53 -14.74
C ALA G 133 -9.21 44.04 -15.03
N MET G 134 -9.69 43.18 -14.13
CA MET G 134 -9.73 41.75 -14.39
C MET G 134 -11.14 41.24 -14.63
N GLU G 135 -12.08 42.15 -14.88
CA GLU G 135 -13.46 41.80 -15.14
C GLU G 135 -13.68 41.49 -16.61
N PHE G 136 -14.44 40.44 -16.87
CA PHE G 136 -14.79 40.01 -18.22
C PHE G 136 -16.28 39.72 -18.30
N ILE G 137 -16.84 40.00 -19.47
CA ILE G 137 -18.24 39.68 -19.77
C ILE G 137 -18.26 38.82 -21.04
N PHE G 138 -19.36 38.10 -21.21
CA PHE G 138 -19.48 37.06 -22.22
C PHE G 138 -20.61 37.47 -23.16
N VAL G 139 -20.27 37.75 -24.42
CA VAL G 139 -21.14 38.44 -25.33
C VAL G 139 -21.33 37.66 -26.63
N SER G 140 -22.37 38.02 -27.35
CA SER G 140 -22.71 37.34 -28.60
C SER G 140 -21.68 37.67 -29.68
N PRO G 141 -21.26 36.69 -30.47
CA PRO G 141 -20.37 36.98 -31.59
C PRO G 141 -20.95 37.97 -32.58
N LYS G 142 -22.26 38.02 -32.72
CA LYS G 142 -22.94 38.91 -33.64
C LYS G 142 -23.39 40.22 -32.99
N ASP G 143 -23.15 40.38 -31.69
CA ASP G 143 -23.48 41.64 -31.00
C ASP G 143 -22.60 41.70 -29.75
N LYS G 144 -21.46 42.38 -29.89
CA LYS G 144 -20.45 42.47 -28.85
C LYS G 144 -20.94 43.19 -27.60
N ASP G 145 -22.16 43.70 -27.61
CA ASP G 145 -22.75 44.30 -26.43
C ASP G 145 -23.85 43.47 -25.80
N LYS G 146 -24.20 42.31 -26.37
CA LYS G 146 -25.26 41.46 -25.86
C LYS G 146 -24.66 40.32 -25.04
N ARG G 147 -24.94 40.30 -23.74
CA ARG G 147 -24.45 39.19 -22.94
C ARG G 147 -25.20 37.92 -23.32
N VAL G 148 -24.51 36.79 -23.30
CA VAL G 148 -25.18 35.53 -23.55
C VAL G 148 -24.87 34.58 -22.41
N LEU G 149 -25.80 33.65 -22.17
CA LEU G 149 -25.61 32.66 -21.12
C LEU G 149 -24.66 31.58 -21.63
N VAL G 150 -23.53 31.41 -20.94
CA VAL G 150 -22.50 30.46 -21.35
C VAL G 150 -22.73 29.06 -20.81
N TYR G 151 -23.60 28.88 -19.82
CA TYR G 151 -23.84 27.55 -19.27
C TYR G 151 -24.86 26.73 -20.05
N VAL G 152 -25.22 27.12 -21.27
CA VAL G 152 -26.39 26.59 -21.97
C VAL G 152 -25.91 26.24 -23.37
N MET H 3 -36.13 22.54 -16.40
CA MET H 3 -35.60 21.26 -16.86
C MET H 3 -34.83 20.53 -15.76
N THR H 4 -34.12 21.29 -14.92
CA THR H 4 -33.41 20.75 -13.78
C THR H 4 -34.14 21.14 -12.49
N THR H 5 -34.39 20.15 -11.65
CA THR H 5 -35.15 20.33 -10.42
C THR H 5 -34.19 20.49 -9.24
N PHE H 6 -34.51 21.43 -8.35
CA PHE H 6 -33.62 21.75 -7.26
C PHE H 6 -34.43 22.23 -6.07
N LEU H 7 -33.78 22.27 -4.92
CA LEU H 7 -34.32 22.88 -3.70
C LEU H 7 -33.66 24.23 -3.52
N ILE H 8 -34.43 25.22 -3.07
CA ILE H 8 -33.87 26.54 -2.77
C ILE H 8 -33.64 26.56 -1.28
N LYS H 9 -32.37 26.42 -0.88
CA LYS H 9 -32.00 26.28 0.53
C LYS H 9 -31.45 27.59 1.04
N HIS H 10 -32.05 28.10 2.11
CA HIS H 10 -31.53 29.27 2.81
C HIS H 10 -30.21 28.92 3.48
N LYS H 11 -29.12 29.54 3.01
CA LYS H 11 -27.77 29.09 3.37
C LYS H 11 -27.53 29.17 4.88
N ALA H 12 -27.96 30.26 5.50
CA ALA H 12 -27.62 30.50 6.90
C ALA H 12 -28.35 29.53 7.82
N SER H 13 -29.58 29.14 7.47
CA SER H 13 -30.39 28.32 8.37
C SER H 13 -30.52 26.88 7.91
N GLY H 14 -30.30 26.61 6.63
CA GLY H 14 -30.58 25.30 6.07
C GLY H 14 -32.06 25.02 5.83
N LYS H 15 -32.94 25.97 6.11
CA LYS H 15 -34.32 25.84 5.69
C LYS H 15 -34.45 26.05 4.19
N PHE H 16 -35.65 25.78 3.70
CA PHE H 16 -35.93 25.80 2.27
C PHE H 16 -37.12 26.70 1.99
N LEU H 17 -37.20 27.13 0.73
CA LEU H 17 -38.34 27.92 0.28
C LEU H 17 -39.55 27.00 0.07
N HIS H 18 -40.67 27.36 0.68
CA HIS H 18 -41.89 26.59 0.51
C HIS H 18 -43.02 27.52 0.11
N PRO H 19 -44.02 27.02 -0.61
CA PRO H 19 -45.32 27.70 -0.61
C PRO H 19 -45.99 27.53 0.75
N LYS H 20 -46.62 28.59 1.22
CA LYS H 20 -47.31 28.51 2.51
C LYS H 20 -48.42 27.47 2.45
N GLY H 21 -48.34 26.46 3.32
CA GLY H 21 -49.27 25.37 3.33
C GLY H 21 -48.77 24.10 2.66
N GLY H 22 -47.76 24.21 1.80
CA GLY H 22 -47.17 23.02 1.22
C GLY H 22 -48.02 22.33 0.18
N SER H 23 -48.98 23.03 -0.42
CA SER H 23 -49.89 22.41 -1.36
C SER H 23 -49.23 22.22 -2.71
N SER H 24 -49.61 21.13 -3.39
CA SER H 24 -49.15 20.88 -4.74
C SER H 24 -49.84 21.76 -5.78
N ASN H 25 -50.81 22.56 -5.35
CA ASN H 25 -51.50 23.52 -6.21
C ASN H 25 -51.89 24.75 -5.39
N PRO H 26 -50.92 25.46 -4.81
CA PRO H 26 -51.27 26.67 -4.06
C PRO H 26 -51.98 27.65 -4.98
N ALA H 27 -52.98 28.33 -4.43
CA ALA H 27 -53.71 29.33 -5.19
C ALA H 27 -52.79 30.50 -5.53
N ASN H 28 -53.20 31.24 -6.57
CA ASN H 28 -52.54 32.49 -6.90
C ASN H 28 -52.41 33.38 -5.68
N ASP H 29 -51.24 34.01 -5.57
CA ASP H 29 -50.89 34.95 -4.51
C ASP H 29 -50.63 34.27 -3.17
N THR H 30 -50.44 32.95 -3.16
CA THR H 30 -49.96 32.26 -1.97
C THR H 30 -48.54 32.73 -1.64
N ASN H 31 -48.31 33.05 -0.37
CA ASN H 31 -47.00 33.52 0.06
C ASN H 31 -45.97 32.41 -0.03
N LEU H 32 -44.71 32.80 -0.22
CA LEU H 32 -43.57 31.90 -0.16
C LEU H 32 -42.89 32.08 1.19
N VAL H 33 -42.62 30.96 1.87
CA VAL H 33 -42.11 30.99 3.24
C VAL H 33 -40.92 30.05 3.33
N LEU H 34 -40.26 30.10 4.48
CA LEU H 34 -39.17 29.19 4.80
C LEU H 34 -39.68 28.09 5.70
N HIS H 35 -39.25 26.86 5.43
CA HIS H 35 -39.65 25.73 6.25
C HIS H 35 -38.56 24.67 6.17
N SER H 36 -38.37 23.94 7.27
CA SER H 36 -37.33 22.93 7.33
C SER H 36 -37.66 21.67 6.53
N ASP H 37 -38.93 21.41 6.25
CA ASP H 37 -39.33 20.13 5.67
C ASP H 37 -38.85 19.99 4.23
N ILE H 38 -38.73 18.74 3.79
CA ILE H 38 -38.40 18.39 2.41
C ILE H 38 -39.48 17.46 1.88
N HIS H 39 -39.98 17.77 0.69
CA HIS H 39 -40.97 16.94 -0.02
C HIS H 39 -41.11 17.53 -1.42
N GLU H 40 -41.82 16.82 -2.29
CA GLU H 40 -41.84 17.26 -3.68
C GLU H 40 -42.69 18.51 -3.92
N ARG H 41 -43.42 18.99 -2.92
CA ARG H 41 -44.19 20.21 -3.04
C ARG H 41 -43.38 21.47 -2.73
N MET H 42 -42.07 21.31 -2.49
CA MET H 42 -41.15 22.44 -2.38
C MET H 42 -40.02 22.34 -3.39
N TYR H 43 -40.14 21.47 -4.39
CA TYR H 43 -39.15 21.42 -5.46
C TYR H 43 -39.38 22.59 -6.42
N PHE H 44 -38.28 23.14 -6.92
CA PHE H 44 -38.35 24.22 -7.89
C PHE H 44 -37.60 23.88 -9.17
N GLN H 45 -37.95 24.61 -10.23
CA GLN H 45 -37.24 24.59 -11.49
C GLN H 45 -37.01 26.03 -11.91
N PHE H 46 -36.14 26.22 -12.89
CA PHE H 46 -35.84 27.55 -13.42
C PHE H 46 -35.93 27.53 -14.92
N ASP H 47 -36.75 28.41 -15.48
CA ASP H 47 -37.00 28.49 -16.91
C ASP H 47 -36.32 29.74 -17.45
N VAL H 48 -35.24 29.54 -18.20
CA VAL H 48 -34.46 30.68 -18.68
C VAL H 48 -35.26 31.42 -19.75
N VAL H 49 -35.25 32.75 -19.66
CA VAL H 49 -35.95 33.60 -20.62
C VAL H 49 -34.97 34.42 -21.45
N ASP H 50 -34.01 35.07 -20.79
CA ASP H 50 -33.12 36.02 -21.46
C ASP H 50 -31.81 36.06 -20.67
N GLU H 51 -30.80 35.33 -21.16
CA GLU H 51 -29.50 35.25 -20.51
C GLU H 51 -29.65 34.83 -19.05
N ARG H 52 -29.35 35.72 -18.11
CA ARG H 52 -29.47 35.35 -16.70
C ARG H 52 -30.91 35.34 -16.20
N TRP H 53 -31.84 35.96 -16.93
CA TRP H 53 -33.19 36.18 -16.40
C TRP H 53 -34.10 35.02 -16.78
N GLY H 54 -34.94 34.62 -15.83
CA GLY H 54 -35.94 33.61 -16.11
C GLY H 54 -36.97 33.54 -15.01
N TYR H 55 -37.78 32.49 -15.08
CA TYR H 55 -38.86 32.26 -14.13
C TYR H 55 -38.48 31.17 -13.13
N ILE H 56 -38.72 31.45 -11.85
CA ILE H 56 -38.51 30.46 -10.81
C ILE H 56 -39.85 29.74 -10.64
N LYS H 57 -39.88 28.43 -10.89
CA LYS H 57 -41.15 27.74 -11.07
C LYS H 57 -41.31 26.70 -9.99
N HIS H 58 -42.45 26.73 -9.31
CA HIS H 58 -42.83 25.69 -8.39
C HIS H 58 -43.20 24.43 -9.17
N ALA H 59 -42.44 23.35 -8.93
CA ALA H 59 -42.52 22.18 -9.82
C ALA H 59 -43.91 21.55 -9.77
N ALA H 60 -44.50 21.46 -8.59
CA ALA H 60 -45.76 20.72 -8.44
C ALA H 60 -46.94 21.44 -9.09
N SER H 61 -46.91 22.78 -9.14
CA SER H 61 -48.06 23.53 -9.63
C SER H 61 -47.82 24.24 -10.95
N GLY H 62 -46.57 24.44 -11.35
CA GLY H 62 -46.25 25.24 -12.52
C GLY H 62 -46.34 26.73 -12.29
N LYS H 63 -46.73 27.16 -11.09
CA LYS H 63 -46.78 28.57 -10.76
C LYS H 63 -45.37 29.10 -10.57
N ILE H 64 -45.18 30.38 -10.86
CA ILE H 64 -43.86 30.98 -10.76
C ILE H 64 -43.88 32.05 -9.68
N VAL H 65 -42.68 32.45 -9.27
CA VAL H 65 -42.49 33.43 -8.20
C VAL H 65 -42.76 34.83 -8.74
N HIS H 66 -43.57 35.60 -8.01
CA HIS H 66 -43.87 36.98 -8.32
C HIS H 66 -43.70 37.86 -7.10
N PRO H 67 -43.31 39.11 -7.29
CA PRO H 67 -43.57 40.12 -6.25
C PRO H 67 -45.08 40.33 -6.16
N LEU H 68 -45.61 40.33 -4.94
CA LEU H 68 -47.05 40.49 -4.81
C LEU H 68 -47.48 41.80 -5.45
N GLY H 69 -48.45 41.74 -6.34
CA GLY H 69 -48.88 42.88 -7.11
C GLY H 69 -48.26 42.97 -8.48
N GLY H 70 -47.15 42.26 -8.72
CA GLY H 70 -46.60 42.18 -10.06
C GLY H 70 -46.03 43.48 -10.60
N LYS H 71 -45.55 44.36 -9.73
CA LYS H 71 -44.99 45.62 -10.18
C LYS H 71 -43.56 45.44 -10.68
N ALA H 72 -43.16 46.32 -11.59
CA ALA H 72 -41.84 46.22 -12.21
C ALA H 72 -40.73 46.51 -11.22
N ASP H 73 -40.96 47.42 -10.27
CA ASP H 73 -39.94 47.91 -9.35
C ASP H 73 -40.48 47.86 -7.93
N PRO H 74 -40.67 46.67 -7.37
CA PRO H 74 -41.32 46.56 -6.05
C PRO H 74 -40.45 47.13 -4.94
N PRO H 75 -41.07 47.80 -3.96
CA PRO H 75 -40.32 48.36 -2.84
C PRO H 75 -39.88 47.29 -1.86
N ASN H 76 -38.95 47.66 -0.97
CA ASN H 76 -38.55 46.77 0.11
C ASN H 76 -39.76 46.29 0.89
N GLU H 77 -39.71 45.02 1.31
CA GLU H 77 -40.74 44.34 2.08
C GLU H 77 -41.89 43.86 1.21
N THR H 78 -41.81 44.01 -0.12
CA THR H 78 -42.82 43.43 -0.97
C THR H 78 -42.80 41.91 -0.84
N LYS H 79 -43.97 41.35 -0.55
CA LYS H 79 -44.08 39.92 -0.34
C LYS H 79 -43.89 39.17 -1.66
N LEU H 80 -43.28 37.99 -1.58
CA LEU H 80 -43.18 37.10 -2.71
C LEU H 80 -44.26 36.03 -2.65
N VAL H 81 -44.91 35.80 -3.79
CA VAL H 81 -46.03 34.90 -3.88
C VAL H 81 -45.84 34.03 -5.12
N LEU H 82 -46.64 32.98 -5.21
CA LEU H 82 -46.74 32.17 -6.41
C LEU H 82 -47.92 32.62 -7.23
N HIS H 83 -47.73 32.72 -8.54
CA HIS H 83 -48.79 33.12 -9.44
C HIS H 83 -48.54 32.43 -10.77
N GLN H 84 -49.62 32.06 -11.46
CA GLN H 84 -49.49 31.34 -12.73
C GLN H 84 -49.01 32.22 -13.88
N ASP H 85 -49.21 33.54 -13.78
CA ASP H 85 -48.90 34.41 -14.90
C ASP H 85 -47.41 34.40 -15.25
N ARG H 86 -47.12 34.52 -16.54
CA ARG H 86 -45.77 34.74 -17.02
C ARG H 86 -45.71 36.15 -17.60
N HIS H 87 -44.78 36.97 -17.12
CA HIS H 87 -44.55 38.30 -17.70
C HIS H 87 -43.21 38.81 -17.19
N ASP H 88 -42.86 40.03 -17.60
CA ASP H 88 -41.52 40.56 -17.36
C ASP H 88 -41.26 40.83 -15.88
N ARG H 89 -42.29 41.20 -15.12
CA ARG H 89 -42.08 41.60 -13.73
C ARG H 89 -41.85 40.41 -12.81
N ALA H 90 -41.95 39.18 -13.31
CA ALA H 90 -41.66 37.97 -12.55
C ALA H 90 -40.33 37.34 -12.96
N LEU H 91 -39.42 38.14 -13.54
CA LEU H 91 -38.11 37.65 -13.95
C LEU H 91 -37.11 37.77 -12.80
N PHE H 92 -36.37 36.68 -12.56
CA PHE H 92 -35.33 36.62 -11.55
C PHE H 92 -34.08 36.01 -12.18
N ALA H 93 -32.94 36.24 -11.54
CA ALA H 93 -31.71 35.53 -11.85
C ALA H 93 -31.24 34.74 -10.63
N MET H 94 -30.62 33.60 -10.88
CA MET H 94 -30.18 32.67 -9.85
C MET H 94 -28.67 32.78 -9.72
N ASP H 95 -28.23 33.69 -8.84
CA ASP H 95 -26.80 34.01 -8.72
C ASP H 95 -26.15 32.96 -7.84
N PHE H 96 -25.60 31.92 -8.46
CA PHE H 96 -24.98 30.83 -7.73
C PHE H 96 -23.51 31.12 -7.41
N PHE H 97 -23.01 32.30 -7.73
CA PHE H 97 -21.68 32.74 -7.35
C PHE H 97 -21.70 33.58 -6.08
N ASN H 98 -22.64 34.51 -5.96
CA ASN H 98 -22.80 35.23 -4.71
C ASN H 98 -23.84 34.57 -3.81
N ASP H 99 -24.52 33.55 -4.32
CA ASP H 99 -25.47 32.76 -3.55
C ASP H 99 -26.67 33.61 -3.12
N ASN H 100 -27.34 34.20 -4.10
CA ASN H 100 -28.56 34.95 -3.82
C ASN H 100 -29.49 34.88 -5.02
N ILE H 101 -30.70 35.40 -4.81
CA ILE H 101 -31.74 35.43 -5.83
C ILE H 101 -32.12 36.88 -6.05
N ILE H 102 -31.89 37.38 -7.27
CA ILE H 102 -32.05 38.79 -7.59
C ILE H 102 -33.21 38.97 -8.56
N HIS H 103 -34.06 39.95 -8.29
CA HIS H 103 -35.16 40.33 -9.15
C HIS H 103 -34.68 41.26 -10.27
N LYS H 104 -35.46 41.30 -11.35
CA LYS H 104 -35.12 42.13 -12.50
C LYS H 104 -34.84 43.58 -12.13
N ALA H 105 -35.51 44.10 -11.10
CA ALA H 105 -35.31 45.48 -10.68
C ALA H 105 -34.21 45.65 -9.63
N GLY H 106 -33.49 44.59 -9.26
CA GLY H 106 -32.26 44.73 -8.51
C GLY H 106 -32.34 44.39 -7.04
N LYS H 107 -33.52 44.17 -6.48
CA LYS H 107 -33.61 43.73 -5.10
C LYS H 107 -33.55 42.21 -5.00
N TYR H 108 -33.36 41.72 -3.78
CA TYR H 108 -33.11 40.31 -3.53
C TYR H 108 -34.24 39.71 -2.70
N ILE H 109 -34.33 38.39 -2.76
CA ILE H 109 -35.25 37.65 -1.90
C ILE H 109 -34.64 37.54 -0.51
N HIS H 110 -35.41 37.92 0.51
CA HIS H 110 -34.98 37.83 1.89
C HIS H 110 -36.01 37.07 2.70
N PRO H 111 -35.61 36.44 3.80
CA PRO H 111 -36.56 36.15 4.87
C PRO H 111 -36.98 37.45 5.52
N LYS H 112 -38.27 37.59 5.81
CA LYS H 112 -38.73 38.80 6.46
C LYS H 112 -38.06 38.91 7.83
N GLY H 113 -37.37 40.03 8.05
CA GLY H 113 -36.64 40.26 9.28
C GLY H 113 -35.15 40.00 9.19
N GLY H 114 -34.69 39.31 8.15
CA GLY H 114 -33.25 39.24 7.94
C GLY H 114 -32.50 38.35 8.89
N SER H 115 -33.16 37.37 9.50
CA SER H 115 -32.50 36.52 10.49
C SER H 115 -31.71 35.42 9.79
N THR H 116 -30.53 35.10 10.34
CA THR H 116 -29.85 33.90 9.88
C THR H 116 -30.52 32.61 10.30
N ASN H 117 -31.44 32.65 11.26
CA ASN H 117 -32.16 31.45 11.69
C ASN H 117 -33.65 31.76 11.80
N PRO H 118 -34.31 32.04 10.68
CA PRO H 118 -35.74 32.36 10.73
C PRO H 118 -36.55 31.13 11.07
N PRO H 119 -37.58 31.26 11.91
CA PRO H 119 -38.43 30.09 12.20
C PRO H 119 -39.29 29.70 11.01
N ASN H 120 -39.76 28.45 11.06
CA ASN H 120 -40.70 27.95 10.07
C ASN H 120 -41.87 28.91 9.90
N GLU H 121 -42.32 29.05 8.66
CA GLU H 121 -43.43 29.91 8.21
C GLU H 121 -43.04 31.38 8.09
N THR H 122 -41.77 31.73 8.30
CA THR H 122 -41.33 33.10 8.07
C THR H 122 -41.60 33.48 6.61
N LEU H 123 -42.20 34.64 6.40
CA LEU H 123 -42.44 35.06 5.03
C LEU H 123 -41.14 35.43 4.35
N THR H 124 -41.18 35.45 3.02
CA THR H 124 -40.09 35.99 2.24
C THR H 124 -40.56 37.29 1.59
N VAL H 125 -39.61 38.19 1.39
CA VAL H 125 -39.89 39.52 0.86
C VAL H 125 -38.75 39.95 -0.06
N MET H 126 -39.03 40.97 -0.86
CA MET H 126 -37.99 41.66 -1.60
C MET H 126 -37.30 42.65 -0.68
N HIS H 127 -35.98 42.73 -0.78
CA HIS H 127 -35.25 43.74 -0.02
C HIS H 127 -33.91 43.97 -0.69
N GLY H 128 -33.44 45.22 -0.66
CA GLY H 128 -32.24 45.62 -1.36
C GLY H 128 -30.92 45.28 -0.69
N ASP H 129 -30.92 44.93 0.59
CA ASP H 129 -29.65 44.70 1.26
C ASP H 129 -29.03 43.38 0.84
N LYS H 130 -27.70 43.32 0.91
CA LYS H 130 -26.97 42.09 0.66
C LYS H 130 -26.22 41.74 1.95
N HIS H 131 -26.40 40.52 2.42
CA HIS H 131 -25.76 40.06 3.66
C HIS H 131 -25.96 38.55 3.78
N LYS H 132 -25.43 37.98 4.86
CA LYS H 132 -25.41 36.53 5.01
C LYS H 132 -26.80 35.93 5.14
N ALA H 133 -27.80 36.69 5.59
CA ALA H 133 -29.11 36.11 5.84
C ALA H 133 -30.02 36.09 4.62
N MET H 134 -29.60 36.68 3.50
CA MET H 134 -30.38 36.62 2.27
C MET H 134 -29.73 35.73 1.23
N GLU H 135 -28.77 34.91 1.66
CA GLU H 135 -28.07 33.99 0.76
C GLU H 135 -28.82 32.67 0.60
N PHE H 136 -28.89 32.19 -0.64
CA PHE H 136 -29.53 30.92 -0.96
C PHE H 136 -28.63 30.11 -1.88
N ILE H 137 -28.68 28.80 -1.72
CA ILE H 137 -27.97 27.89 -2.61
C ILE H 137 -28.99 26.91 -3.17
N PHE H 138 -28.64 26.31 -4.30
CA PHE H 138 -29.59 25.53 -5.09
C PHE H 138 -29.04 24.10 -5.17
N VAL H 139 -29.77 23.17 -4.55
CA VAL H 139 -29.25 21.85 -4.26
C VAL H 139 -30.17 20.77 -4.81
N SER H 140 -29.61 19.57 -4.93
CA SER H 140 -30.33 18.43 -5.48
C SER H 140 -31.41 17.97 -4.49
N PRO H 141 -32.60 17.62 -4.98
CA PRO H 141 -33.62 17.07 -4.08
C PRO H 141 -33.16 15.80 -3.38
N LYS H 142 -32.27 15.03 -4.00
CA LYS H 142 -31.77 13.80 -3.42
C LYS H 142 -30.47 13.99 -2.64
N ASP H 143 -29.96 15.21 -2.57
CA ASP H 143 -28.74 15.50 -1.81
C ASP H 143 -28.74 17.00 -1.52
N LYS H 144 -29.27 17.36 -0.35
CA LYS H 144 -29.39 18.76 0.04
C LYS H 144 -28.05 19.44 0.26
N ASP H 145 -26.92 18.75 0.14
CA ASP H 145 -25.63 19.42 0.22
C ASP H 145 -24.93 19.52 -1.12
N LYS H 146 -25.50 18.97 -2.20
CA LYS H 146 -24.86 19.00 -3.51
C LYS H 146 -25.49 20.11 -4.35
N ARG H 147 -24.70 21.13 -4.69
CA ARG H 147 -25.22 22.20 -5.53
C ARG H 147 -25.47 21.67 -6.92
N VAL H 148 -26.51 22.18 -7.58
CA VAL H 148 -26.77 21.80 -8.95
C VAL H 148 -26.89 23.05 -9.82
N LEU H 149 -26.57 22.89 -11.10
CA LEU H 149 -26.66 23.98 -12.05
C LEU H 149 -28.12 24.18 -12.43
N VAL H 150 -28.68 25.37 -12.13
CA VAL H 150 -30.08 25.64 -12.42
C VAL H 150 -30.31 26.20 -13.81
N TYR H 151 -29.27 26.67 -14.48
CA TYR H 151 -29.42 27.24 -15.83
C TYR H 151 -29.37 26.19 -16.95
N VAL H 152 -30.16 25.12 -16.84
CA VAL H 152 -30.03 23.89 -17.63
C VAL H 152 -31.24 23.03 -17.34
#